data_8F5A
#
_entry.id   8F5A
#
_cell.length_a   70.016
_cell.length_b   55.804
_cell.length_c   122.714
_cell.angle_alpha   90.00
_cell.angle_beta   91.22
_cell.angle_gamma   90.00
#
_symmetry.space_group_name_H-M   'P 1 21 1'
#
loop_
_entity.id
_entity.type
_entity.pdbx_description
1 polymer 'heavy chain HLA-B*57:01'
2 polymer Beta-2-microglobulin
3 polymer 'KS1 TCR alpha chain'
4 polymer 'KS1 TCR beta chain'
5 polymer 'TW10 peptide'
6 non-polymer 'ACETATE ION'
7 non-polymer 'SODIUM ION'
8 non-polymer 'CHLORIDE ION'
9 water water
#
loop_
_entity_poly.entity_id
_entity_poly.type
_entity_poly.pdbx_seq_one_letter_code
_entity_poly.pdbx_strand_id
1 'polypeptide(L)'
;GSHSMRYFYTAMSRPGRGEPRFIAVGYVDDTQFVRFDSDAASPRMAPRAPWIEQEGPEYWDGETRNMKASAQTYRENLRI
ALRYYNQSEAGSHIIQVMYGCDVGPDGRLLRGHDQSAYDGKDYIALNEDLSSWTAADTAAQITQRKWEAARVAEQLRAYL
EGLCVEWLRRYLENGKETLQRADPPKTHVTHHPISDHEATLRCWALGFYPAEITLTWQRDGEDQTQDTELVETRPAGDRT
FQKWAAVVVPSGEEQRYTCHVQHEGLPKPLTLRWEPSS
;
A
2 'polypeptide(L)'
;IQRTPKIQVYSRHPAENGKSNFLNCYVSGFHPSDIEVDLLKNGERIEKVEHSDLSFSKDWSFYLLYYTEFTPTEKDEYAC
RVNHVTLSQPKIVKWDRDM
;
B
3 'polypeptide(L)'
;KQEVTQIPAALSVPEGENLVLNCSFTDSAIYNLQWFRQDPGKGLTSLLLIQSSQREQTSGRLNASLDKSSGRSTLYIAAS
QPGDSATYLCAVTLNNNAGNMLTFGGGTRLMVKPNIQNPDPAVYQLRDSKSSDKSVCLFTDFDSQTNVSQSKDSDVYITD
KCVLDMRSMDFKSNSAVAWSNKSDFACANAFNNSIIPEDTFFPSPESS
;
C
4 'polypeptide(L)'
;GVTQTPRYLIKTRGQQVTLSCSPISGHRSVSWYQQTPGQGLQFLFEYFSETQRNKGNFPGRFSGRQFSNSRSEMNVSTLE
LGDSALYLCASSVGGTEAFFGQGTRLTVVEDLKNVFPPEVAVFEPSEAEISHTQKATLVCLATGFYPDHVELSWWVNGKE
VHSGVCTDPQPLKEQPALNDSRYALSSRLRVSATFWQNPRNHFRCQVQFYGLSENDEWTQDRAKPVTQIVSAEAWGRAD
;
D
5 'polypeptide(L)' TSTLQEQIGW E
#
# COMPACT_ATOMS: atom_id res chain seq x y z
N GLY A 1 22.74 -21.30 -16.15
CA GLY A 1 22.12 -22.29 -15.29
C GLY A 1 20.86 -21.78 -14.62
N SER A 2 20.41 -22.47 -13.57
CA SER A 2 19.23 -22.03 -12.82
C SER A 2 19.67 -21.04 -11.73
N HIS A 3 18.80 -20.07 -11.38
CA HIS A 3 19.16 -19.07 -10.39
C HIS A 3 18.07 -18.80 -9.35
N SER A 4 18.44 -18.20 -8.22
CA SER A 4 17.47 -17.88 -7.20
C SER A 4 17.77 -16.60 -6.47
N MET A 5 16.72 -15.91 -6.02
CA MET A 5 16.91 -14.78 -5.12
C MET A 5 16.23 -15.20 -3.82
N ARG A 6 16.86 -14.96 -2.66
CA ARG A 6 16.25 -15.26 -1.39
C ARG A 6 16.52 -14.16 -0.41
N TYR A 7 15.53 -13.86 0.42
CA TYR A 7 15.71 -12.96 1.55
C TYR A 7 15.50 -13.78 2.78
N PHE A 8 16.30 -13.50 3.79
CA PHE A 8 16.25 -14.22 5.05
C PHE A 8 16.06 -13.23 6.16
N TYR A 9 15.01 -13.37 6.98
CA TYR A 9 14.81 -12.49 8.12
C TYR A 9 14.99 -13.31 9.39
N THR A 10 15.64 -12.73 10.38
CA THR A 10 15.72 -13.28 11.72
C THR A 10 15.23 -12.19 12.67
N ALA A 11 14.18 -12.45 13.46
CA ALA A 11 13.65 -11.52 14.46
C ALA A 11 13.78 -12.19 15.82
N MET A 12 14.52 -11.57 16.76
CA MET A 12 14.77 -12.24 18.03
C MET A 12 14.41 -11.38 19.19
N SER A 13 13.53 -11.86 20.06
CA SER A 13 13.19 -11.07 21.24
C SER A 13 14.27 -11.29 22.31
N ARG A 14 14.40 -10.34 23.22
CA ARG A 14 15.40 -10.40 24.30
C ARG A 14 14.85 -9.55 25.48
N PRO A 15 13.83 -10.08 26.18
CA PRO A 15 13.16 -9.30 27.25
C PRO A 15 14.13 -8.73 28.29
N GLY A 16 13.97 -7.46 28.55
CA GLY A 16 14.85 -6.74 29.46
C GLY A 16 16.09 -6.17 28.81
N ARG A 17 16.38 -6.60 27.54
CA ARG A 17 17.52 -6.14 26.77
C ARG A 17 17.16 -5.32 25.53
N GLY A 18 16.05 -4.61 25.59
CA GLY A 18 15.63 -3.72 24.52
C GLY A 18 14.72 -4.36 23.50
N GLU A 19 14.32 -3.58 22.51
CA GLU A 19 13.45 -4.01 21.40
C GLU A 19 13.98 -5.29 20.75
N PRO A 20 13.11 -6.17 20.20
CA PRO A 20 13.62 -7.33 19.47
C PRO A 20 14.49 -6.88 18.27
N ARG A 21 15.55 -7.57 18.05
CA ARG A 21 16.47 -7.32 16.98
C ARG A 21 15.93 -7.96 15.68
N PHE A 22 16.02 -7.23 14.56
CA PHE A 22 15.60 -7.74 13.27
C PHE A 22 16.78 -7.61 12.32
N ILE A 23 17.20 -8.75 11.75
CA ILE A 23 18.27 -8.85 10.77
C ILE A 23 17.75 -9.41 9.45
N ALA A 24 17.94 -8.69 8.34
CA ALA A 24 17.58 -9.20 7.04
C ALA A 24 18.82 -9.27 6.19
N VAL A 25 18.91 -10.31 5.40
CA VAL A 25 20.01 -10.52 4.48
CA VAL A 25 20.00 -10.48 4.43
C VAL A 25 19.41 -10.97 3.14
N GLY A 26 19.94 -10.49 2.02
CA GLY A 26 19.48 -10.89 0.71
C GLY A 26 20.58 -11.64 -0.02
N TYR A 27 20.22 -12.67 -0.81
CA TYR A 27 21.19 -13.45 -1.59
C TYR A 27 20.71 -13.63 -3.01
N VAL A 28 21.66 -13.70 -3.94
CA VAL A 28 21.41 -14.15 -5.29
C VAL A 28 22.30 -15.40 -5.37
N ASP A 29 21.69 -16.59 -5.52
CA ASP A 29 22.39 -17.88 -5.47
C ASP A 29 23.17 -17.97 -4.13
N ASP A 30 24.49 -18.17 -4.14
CA ASP A 30 25.26 -18.23 -2.89
C ASP A 30 26.00 -16.94 -2.59
N THR A 31 25.56 -15.80 -3.16
CA THR A 31 26.20 -14.51 -2.91
C THR A 31 25.28 -13.56 -2.16
N GLN A 32 25.70 -13.15 -0.98
CA GLN A 32 24.96 -12.18 -0.20
C GLN A 32 25.12 -10.81 -0.87
N PHE A 33 24.04 -10.01 -0.99
CA PHE A 33 24.16 -8.72 -1.67
C PHE A 33 23.60 -7.55 -0.87
N VAL A 34 22.76 -7.81 0.16
CA VAL A 34 22.23 -6.74 1.00
C VAL A 34 22.13 -7.19 2.45
N ARG A 35 22.14 -6.22 3.37
CA ARG A 35 22.01 -6.47 4.80
C ARG A 35 21.21 -5.32 5.44
N PHE A 36 20.44 -5.65 6.48
CA PHE A 36 19.74 -4.66 7.32
C PHE A 36 19.83 -5.17 8.74
N ASP A 37 20.24 -4.30 9.68
CA ASP A 37 20.31 -4.70 11.08
C ASP A 37 19.66 -3.62 11.90
N SER A 38 18.60 -3.97 12.65
CA SER A 38 17.90 -2.99 13.45
C SER A 38 18.73 -2.45 14.62
N ASP A 39 19.83 -3.10 14.96
CA ASP A 39 20.69 -2.67 16.06
C ASP A 39 21.77 -1.70 15.62
N ALA A 40 21.98 -1.49 14.29
CA ALA A 40 23.01 -0.52 13.84
C ALA A 40 22.68 0.88 14.36
N ALA A 41 23.70 1.77 14.45
CA ALA A 41 23.46 3.15 14.92
C ALA A 41 22.41 3.85 14.07
N SER A 42 22.47 3.64 12.75
CA SER A 42 21.48 4.21 11.83
C SER A 42 21.09 3.05 10.91
N PRO A 43 20.06 2.27 11.32
CA PRO A 43 19.66 1.10 10.52
C PRO A 43 19.28 1.46 9.11
N ARG A 44 19.87 0.76 8.15
CA ARG A 44 19.56 0.99 6.74
C ARG A 44 19.88 -0.25 5.95
N MET A 45 19.20 -0.43 4.78
CA MET A 45 19.59 -1.55 3.91
C MET A 45 20.95 -1.11 3.29
N ALA A 46 21.96 -1.96 3.35
CA ALA A 46 23.29 -1.60 2.85
C ALA A 46 23.85 -2.68 1.91
N PRO A 47 24.70 -2.24 0.94
CA PRO A 47 25.25 -3.18 -0.03
C PRO A 47 26.30 -4.14 0.56
N ARG A 48 26.32 -5.37 0.07
CA ARG A 48 27.22 -6.44 0.49
C ARG A 48 27.95 -7.14 -0.67
N ALA A 49 27.61 -6.79 -1.91
CA ALA A 49 28.26 -7.29 -3.11
C ALA A 49 28.55 -6.08 -3.98
N PRO A 50 29.64 -6.13 -4.76
CA PRO A 50 29.98 -4.98 -5.62
C PRO A 50 28.93 -4.52 -6.62
N TRP A 51 28.21 -5.45 -7.27
CA TRP A 51 27.23 -5.18 -8.33
C TRP A 51 25.92 -4.52 -7.87
N ILE A 52 25.68 -4.44 -6.56
CA ILE A 52 24.48 -3.73 -6.06
C ILE A 52 24.88 -2.29 -5.61
N GLU A 53 26.18 -2.03 -5.33
CA GLU A 53 26.63 -0.72 -4.83
C GLU A 53 26.21 0.41 -5.72
N GLN A 54 26.03 0.15 -7.02
CA GLN A 54 25.68 1.21 -7.94
C GLN A 54 24.28 1.76 -7.75
N GLU A 55 23.33 0.96 -7.17
CA GLU A 55 21.93 1.36 -7.04
C GLU A 55 21.76 2.75 -6.48
N GLY A 56 20.80 3.49 -7.03
CA GLY A 56 20.58 4.87 -6.62
C GLY A 56 19.94 5.04 -5.27
N PRO A 57 19.82 6.33 -4.83
CA PRO A 57 19.23 6.60 -3.50
C PRO A 57 17.78 6.15 -3.37
N GLU A 58 17.01 6.13 -4.47
CA GLU A 58 15.62 5.69 -4.47
C GLU A 58 15.56 4.19 -4.07
N TYR A 59 16.56 3.41 -4.52
CA TYR A 59 16.64 2.00 -4.19
C TYR A 59 16.91 1.84 -2.71
N TRP A 60 17.97 2.48 -2.19
CA TRP A 60 18.35 2.35 -0.82
C TRP A 60 17.30 2.90 0.13
N ASP A 61 16.65 4.02 -0.24
CA ASP A 61 15.60 4.58 0.58
C ASP A 61 14.40 3.63 0.68
N GLY A 62 13.98 3.09 -0.45
CA GLY A 62 12.83 2.22 -0.52
C GLY A 62 12.99 0.96 0.29
N GLU A 63 14.18 0.30 0.16
CA GLU A 63 14.47 -0.92 0.90
C GLU A 63 14.57 -0.61 2.39
N THR A 64 15.17 0.54 2.76
CA THR A 64 15.30 0.93 4.16
C THR A 64 13.97 1.16 4.83
N ARG A 65 13.08 1.90 4.17
CA ARG A 65 11.74 2.16 4.74
C ARG A 65 10.97 0.80 4.87
N ASN A 66 11.12 -0.08 3.88
CA ASN A 66 10.46 -1.40 3.96
C ASN A 66 11.02 -2.26 5.11
N MET A 67 12.35 -2.25 5.29
CA MET A 67 12.98 -3.05 6.34
C MET A 67 12.64 -2.53 7.74
N LYS A 68 12.54 -1.20 7.91
CA LYS A 68 12.11 -0.63 9.18
C LYS A 68 10.67 -1.06 9.48
N ALA A 69 9.81 -1.07 8.45
CA ALA A 69 8.41 -1.49 8.63
C ALA A 69 8.35 -3.01 8.98
N SER A 70 9.17 -3.83 8.33
CA SER A 70 9.25 -5.28 8.62
C SER A 70 9.78 -5.57 9.98
N ALA A 71 10.76 -4.79 10.46
CA ALA A 71 11.31 -4.93 11.80
C ALA A 71 10.22 -4.77 12.83
N GLN A 72 9.34 -3.74 12.68
CA GLN A 72 8.27 -3.54 13.62
CA GLN A 72 8.25 -3.53 13.61
C GLN A 72 7.18 -4.62 13.47
N THR A 73 6.92 -5.08 12.24
CA THR A 73 5.91 -6.15 12.05
C THR A 73 6.32 -7.41 12.77
N TYR A 74 7.62 -7.79 12.69
CA TYR A 74 8.10 -8.99 13.37
C TYR A 74 8.18 -8.82 14.89
N ARG A 75 8.27 -7.58 15.40
CA ARG A 75 8.17 -7.37 16.86
C ARG A 75 6.72 -7.68 17.28
N GLU A 76 5.74 -7.31 16.45
CA GLU A 76 4.34 -7.58 16.77
C GLU A 76 4.06 -9.09 16.59
N ASN A 77 4.64 -9.72 15.58
CA ASN A 77 4.47 -11.18 15.35
C ASN A 77 5.05 -11.97 16.49
N LEU A 78 6.19 -11.53 17.04
CA LEU A 78 6.76 -12.18 18.23
C LEU A 78 5.78 -12.14 19.42
N ARG A 79 5.04 -11.03 19.61
CA ARG A 79 4.07 -10.89 20.70
C ARG A 79 2.87 -11.77 20.44
N ILE A 80 2.40 -11.81 19.19
CA ILE A 80 1.28 -12.65 18.81
C ILE A 80 1.60 -14.11 19.02
N ALA A 81 2.82 -14.53 18.63
CA ALA A 81 3.20 -15.93 18.81
C ALA A 81 3.15 -16.37 20.30
N LEU A 82 3.53 -15.45 21.23
CA LEU A 82 3.41 -15.77 22.67
C LEU A 82 1.98 -16.08 23.05
N ARG A 83 0.99 -15.30 22.58
CA ARG A 83 -0.40 -15.57 22.88
C ARG A 83 -0.81 -16.90 22.25
N TYR A 84 -0.50 -17.13 20.95
CA TYR A 84 -0.88 -18.39 20.30
C TYR A 84 -0.32 -19.62 21.03
N TYR A 85 0.93 -19.55 21.50
CA TYR A 85 1.53 -20.67 22.19
C TYR A 85 1.36 -20.63 23.70
N ASN A 86 0.60 -19.69 24.26
CA ASN A 86 0.43 -19.53 25.72
C ASN A 86 1.79 -19.48 26.46
N GLN A 87 2.76 -18.76 25.90
CA GLN A 87 4.07 -18.66 26.50
C GLN A 87 4.16 -17.36 27.29
N SER A 88 5.09 -17.31 28.23
CA SER A 88 5.26 -16.13 29.06
C SER A 88 6.15 -15.13 28.38
N GLU A 89 6.01 -13.86 28.77
CA GLU A 89 6.83 -12.77 28.23
C GLU A 89 8.27 -12.79 28.67
N ALA A 90 8.69 -13.75 29.49
CA ALA A 90 10.04 -13.77 30.03
C ALA A 90 11.08 -14.33 29.11
N GLY A 91 10.66 -15.22 28.21
CA GLY A 91 11.60 -15.94 27.38
C GLY A 91 11.98 -15.22 26.10
N SER A 92 13.12 -15.60 25.58
CA SER A 92 13.64 -15.10 24.34
C SER A 92 13.15 -16.05 23.23
N HIS A 93 12.61 -15.50 22.13
CA HIS A 93 12.10 -16.31 21.02
C HIS A 93 12.54 -15.80 19.67
N ILE A 94 12.48 -16.64 18.61
CA ILE A 94 12.98 -16.22 17.31
C ILE A 94 11.97 -16.56 16.23
N ILE A 95 11.72 -15.62 15.34
CA ILE A 95 10.97 -15.90 14.13
C ILE A 95 11.98 -15.82 13.03
N GLN A 96 11.91 -16.75 12.06
CA GLN A 96 12.77 -16.72 10.88
C GLN A 96 11.89 -16.83 9.66
N VAL A 97 12.27 -16.15 8.57
CA VAL A 97 11.53 -16.18 7.32
C VAL A 97 12.53 -16.32 6.17
N MET A 98 12.15 -17.10 5.16
CA MET A 98 12.94 -17.36 3.97
C MET A 98 11.95 -17.19 2.83
N TYR A 99 12.24 -16.35 1.83
CA TYR A 99 11.31 -16.19 0.69
C TYR A 99 12.08 -15.75 -0.52
N GLY A 100 11.53 -16.04 -1.68
CA GLY A 100 12.13 -15.62 -2.90
C GLY A 100 11.64 -16.42 -4.09
N CYS A 101 12.38 -16.33 -5.17
CA CYS A 101 11.97 -16.97 -6.41
C CYS A 101 13.13 -17.77 -7.04
N ASP A 102 12.80 -18.79 -7.83
CA ASP A 102 13.79 -19.58 -8.59
C ASP A 102 13.47 -19.36 -10.09
N VAL A 103 14.48 -19.08 -10.92
CA VAL A 103 14.27 -18.94 -12.36
C VAL A 103 15.15 -19.94 -13.14
N GLY A 104 14.67 -20.34 -14.31
CA GLY A 104 15.43 -21.27 -15.14
C GLY A 104 16.48 -20.57 -15.97
N PRO A 105 17.25 -21.33 -16.79
CA PRO A 105 18.23 -20.69 -17.67
C PRO A 105 17.64 -19.59 -18.57
N ASP A 106 16.35 -19.72 -18.91
CA ASP A 106 15.61 -18.73 -19.72
C ASP A 106 15.12 -17.49 -18.93
N GLY A 107 15.39 -17.45 -17.62
CA GLY A 107 14.93 -16.38 -16.74
C GLY A 107 13.46 -16.48 -16.35
N ARG A 108 12.79 -17.58 -16.69
CA ARG A 108 11.38 -17.75 -16.37
C ARG A 108 11.20 -18.35 -14.97
N LEU A 109 10.13 -17.97 -14.26
CA LEU A 109 9.86 -18.49 -12.91
C LEU A 109 9.61 -20.00 -12.90
N LEU A 110 10.36 -20.72 -12.05
CA LEU A 110 10.18 -22.16 -11.85
C LEU A 110 9.38 -22.37 -10.57
N ARG A 111 9.72 -21.62 -9.49
CA ARG A 111 9.06 -21.80 -8.21
C ARG A 111 9.20 -20.56 -7.31
N GLY A 112 8.13 -20.26 -6.57
CA GLY A 112 8.11 -19.20 -5.56
C GLY A 112 8.14 -19.84 -4.17
N HIS A 113 8.72 -19.14 -3.18
CA HIS A 113 8.84 -19.65 -1.84
C HIS A 113 8.49 -18.55 -0.84
N ASP A 114 7.93 -18.97 0.30
CA ASP A 114 7.67 -18.06 1.41
C ASP A 114 7.43 -18.94 2.62
N GLN A 115 8.50 -19.21 3.39
CA GLN A 115 8.43 -20.09 4.57
C GLN A 115 8.81 -19.34 5.82
N SER A 116 8.21 -19.70 6.94
CA SER A 116 8.45 -19.07 8.21
C SER A 116 8.71 -20.17 9.24
N ALA A 117 9.44 -19.80 10.30
CA ALA A 117 9.68 -20.69 11.40
C ALA A 117 9.51 -19.96 12.75
N TYR A 118 9.20 -20.71 13.82
CA TYR A 118 9.12 -20.14 15.14
C TYR A 118 9.99 -21.02 16.03
N ASP A 119 11.00 -20.42 16.67
CA ASP A 119 11.94 -21.11 17.51
C ASP A 119 12.63 -22.33 16.79
N GLY A 120 13.03 -22.16 15.54
CA GLY A 120 13.76 -23.17 14.80
C GLY A 120 12.96 -24.29 14.16
N LYS A 121 11.64 -24.18 14.16
CA LYS A 121 10.77 -25.20 13.58
CA LYS A 121 10.81 -25.20 13.55
C LYS A 121 9.79 -24.56 12.62
N ASP A 122 9.39 -25.29 11.58
CA ASP A 122 8.40 -24.80 10.60
C ASP A 122 7.17 -24.24 11.27
N TYR A 123 6.71 -23.11 10.78
CA TYR A 123 5.50 -22.49 11.31
C TYR A 123 4.47 -22.49 10.17
N ILE A 124 4.67 -21.68 9.14
CA ILE A 124 3.75 -21.67 8.01
C ILE A 124 4.53 -21.51 6.71
N ALA A 125 4.10 -22.18 5.63
CA ALA A 125 4.78 -22.07 4.35
C ALA A 125 3.78 -21.94 3.21
N LEU A 126 4.09 -21.10 2.22
CA LEU A 126 3.25 -20.95 1.03
C LEU A 126 3.49 -22.21 0.15
N ASN A 127 2.42 -22.85 -0.32
CA ASN A 127 2.57 -24.06 -1.12
C ASN A 127 3.07 -23.70 -2.53
N GLU A 128 3.58 -24.68 -3.27
CA GLU A 128 4.06 -24.48 -4.63
C GLU A 128 3.01 -23.87 -5.60
N ASP A 129 1.73 -24.14 -5.38
CA ASP A 129 0.67 -23.51 -6.22
C ASP A 129 0.54 -21.99 -5.96
N LEU A 130 1.19 -21.46 -4.89
CA LEU A 130 1.17 -20.05 -4.50
C LEU A 130 -0.24 -19.55 -4.26
N SER A 131 -1.13 -20.43 -3.82
CA SER A 131 -2.51 -20.08 -3.57
C SER A 131 -3.06 -20.74 -2.28
N SER A 132 -2.26 -21.52 -1.58
CA SER A 132 -2.67 -22.17 -0.36
C SER A 132 -1.46 -22.24 0.58
N TRP A 133 -1.68 -22.61 1.84
CA TRP A 133 -0.61 -22.67 2.82
C TRP A 133 -0.50 -24.01 3.52
N THR A 134 0.68 -24.32 4.05
CA THR A 134 0.89 -25.47 4.92
C THR A 134 1.26 -24.95 6.31
N ALA A 135 0.40 -25.21 7.28
CA ALA A 135 0.64 -24.85 8.69
C ALA A 135 1.27 -26.08 9.34
N ALA A 136 2.28 -25.88 10.20
CA ALA A 136 2.96 -27.03 10.78
C ALA A 136 2.50 -27.41 12.19
N ASP A 137 1.63 -26.61 12.82
CA ASP A 137 1.12 -26.86 14.18
C ASP A 137 -0.18 -26.11 14.37
N THR A 138 -0.83 -26.25 15.54
CA THR A 138 -2.16 -25.64 15.72
CA THR A 138 -2.12 -25.61 15.82
C THR A 138 -2.05 -24.11 15.91
N ALA A 139 -0.91 -23.58 16.41
CA ALA A 139 -0.78 -22.10 16.47
C ALA A 139 -0.74 -21.53 15.03
N ALA A 140 0.06 -22.13 14.14
CA ALA A 140 0.16 -21.68 12.73
C ALA A 140 -1.17 -21.78 11.99
N GLN A 141 -2.12 -22.63 12.46
CA GLN A 141 -3.44 -22.74 11.81
C GLN A 141 -4.25 -21.49 12.07
N ILE A 142 -4.05 -20.80 13.20
CA ILE A 142 -4.72 -19.50 13.45
C ILE A 142 -4.22 -18.50 12.38
N THR A 143 -2.87 -18.44 12.14
CA THR A 143 -2.31 -17.54 11.11
C THR A 143 -2.82 -17.98 9.72
N GLN A 144 -2.92 -19.29 9.47
CA GLN A 144 -3.43 -19.78 8.17
C GLN A 144 -4.82 -19.29 7.89
N ARG A 145 -5.71 -19.40 8.86
CA ARG A 145 -7.10 -18.95 8.70
C ARG A 145 -7.17 -17.45 8.46
N LYS A 146 -6.36 -16.69 9.18
CA LYS A 146 -6.31 -15.24 9.01
C LYS A 146 -5.81 -14.89 7.61
N TRP A 147 -4.75 -15.55 7.16
CA TRP A 147 -4.14 -15.25 5.87
C TRP A 147 -4.99 -15.69 4.69
N GLU A 148 -5.74 -16.79 4.88
CA GLU A 148 -6.65 -17.23 3.83
C GLU A 148 -7.77 -16.20 3.68
N ALA A 149 -8.27 -15.63 4.78
CA ALA A 149 -9.33 -14.63 4.70
C ALA A 149 -8.86 -13.29 4.19
N ALA A 150 -7.61 -12.93 4.47
CA ALA A 150 -7.07 -11.66 3.99
C ALA A 150 -6.39 -11.75 2.61
N ARG A 151 -6.58 -12.85 1.88
CA ARG A 151 -6.02 -13.02 0.53
C ARG A 151 -4.48 -12.86 0.38
N VAL A 152 -3.74 -13.24 1.41
CA VAL A 152 -2.30 -13.07 1.46
C VAL A 152 -1.57 -13.84 0.39
N ALA A 153 -2.04 -15.07 0.04
CA ALA A 153 -1.33 -15.85 -1.00
C ALA A 153 -1.39 -15.12 -2.34
N GLU A 154 -2.49 -14.43 -2.63
CA GLU A 154 -2.61 -13.67 -3.89
C GLU A 154 -1.62 -12.51 -3.90
N GLN A 155 -1.46 -11.85 -2.74
CA GLN A 155 -0.52 -10.73 -2.63
C GLN A 155 0.89 -11.26 -2.77
N LEU A 156 1.22 -12.41 -2.15
CA LEU A 156 2.56 -13.00 -2.29
C LEU A 156 2.83 -13.43 -3.72
N ARG A 157 1.85 -14.12 -4.37
CA ARG A 157 1.98 -14.59 -5.74
CA ARG A 157 1.98 -14.60 -5.74
C ARG A 157 2.31 -13.46 -6.69
N ALA A 158 1.63 -12.32 -6.55
CA ALA A 158 1.84 -11.17 -7.40
C ALA A 158 3.29 -10.66 -7.25
N TYR A 159 3.85 -10.69 -6.04
CA TYR A 159 5.23 -10.26 -5.81
C TYR A 159 6.23 -11.32 -6.41
N LEU A 160 6.05 -12.58 -6.06
CA LEU A 160 6.93 -13.69 -6.49
C LEU A 160 6.97 -13.85 -8.03
N GLU A 161 5.83 -13.68 -8.69
CA GLU A 161 5.79 -13.82 -10.16
C GLU A 161 6.19 -12.54 -10.91
N GLY A 162 6.25 -11.40 -10.21
CA GLY A 162 6.55 -10.09 -10.79
C GLY A 162 7.91 -9.56 -10.38
N LEU A 163 7.92 -8.58 -9.48
CA LEU A 163 9.15 -7.92 -9.00
C LEU A 163 10.22 -8.86 -8.46
N CYS A 164 9.88 -10.04 -7.88
CA CYS A 164 10.92 -10.94 -7.37
C CYS A 164 11.78 -11.42 -8.54
N VAL A 165 11.11 -11.87 -9.58
CA VAL A 165 11.71 -12.33 -10.82
C VAL A 165 12.39 -11.18 -11.55
N GLU A 166 11.71 -10.02 -11.71
CA GLU A 166 12.24 -8.85 -12.40
C GLU A 166 13.53 -8.35 -11.76
N TRP A 167 13.59 -8.28 -10.41
CA TRP A 167 14.80 -7.80 -9.75
C TRP A 167 15.90 -8.84 -9.86
N LEU A 168 15.57 -10.14 -9.72
CA LEU A 168 16.58 -11.21 -9.81
C LEU A 168 17.25 -11.17 -11.23
N ARG A 169 16.42 -11.02 -12.25
CA ARG A 169 16.86 -10.91 -13.63
C ARG A 169 17.80 -9.71 -13.80
N ARG A 170 17.54 -8.57 -13.14
CA ARG A 170 18.40 -7.39 -13.22
C ARG A 170 19.72 -7.62 -12.52
N TYR A 171 19.69 -8.24 -11.30
CA TYR A 171 20.92 -8.52 -10.57
C TYR A 171 21.81 -9.48 -11.36
N LEU A 172 21.20 -10.53 -11.96
CA LEU A 172 21.97 -11.51 -12.72
C LEU A 172 22.67 -10.85 -13.90
N GLU A 173 22.06 -9.83 -14.51
CA GLU A 173 22.69 -9.09 -15.62
C GLU A 173 23.78 -8.14 -15.10
N ASN A 174 23.46 -7.31 -14.11
CA ASN A 174 24.42 -6.36 -13.54
C ASN A 174 25.66 -7.04 -13.00
N GLY A 175 25.50 -8.22 -12.43
CA GLY A 175 26.59 -8.99 -11.84
C GLY A 175 26.90 -10.28 -12.59
N LYS A 176 26.59 -10.34 -13.90
CA LYS A 176 26.81 -11.54 -14.71
C LYS A 176 28.22 -12.11 -14.67
N GLU A 177 29.23 -11.25 -14.48
CA GLU A 177 30.63 -11.66 -14.49
C GLU A 177 31.06 -12.53 -13.34
N THR A 178 30.35 -12.45 -12.24
CA THR A 178 30.62 -13.25 -11.07
C THR A 178 29.44 -14.21 -10.82
N LEU A 179 28.20 -13.74 -11.02
CA LEU A 179 27.01 -14.54 -10.77
C LEU A 179 26.75 -15.61 -11.83
N GLN A 180 27.04 -15.31 -13.10
CA GLN A 180 26.78 -16.25 -14.18
C GLN A 180 28.03 -16.93 -14.73
N ARG A 181 29.17 -16.83 -14.04
CA ARG A 181 30.41 -17.46 -14.49
C ARG A 181 30.89 -18.37 -13.39
N ALA A 182 30.59 -19.68 -13.49
CA ALA A 182 31.03 -20.60 -12.44
C ALA A 182 32.55 -20.69 -12.33
N ASP A 183 33.06 -20.55 -11.09
CA ASP A 183 34.48 -20.64 -10.82
C ASP A 183 34.75 -22.10 -10.48
N PRO A 184 35.49 -22.82 -11.34
CA PRO A 184 35.77 -24.23 -11.02
C PRO A 184 36.75 -24.37 -9.85
N PRO A 185 36.68 -25.49 -9.12
CA PRO A 185 37.60 -25.67 -7.97
C PRO A 185 39.06 -25.91 -8.34
N LYS A 186 39.98 -25.37 -7.51
CA LYS A 186 41.42 -25.63 -7.64
C LYS A 186 41.60 -26.82 -6.70
N THR A 187 41.87 -28.00 -7.26
CA THR A 187 41.93 -29.24 -6.50
C THR A 187 43.33 -29.83 -6.35
N HIS A 188 43.56 -30.51 -5.23
CA HIS A 188 44.81 -31.22 -4.94
C HIS A 188 44.60 -32.33 -3.89
N VAL A 189 45.50 -33.32 -3.88
CA VAL A 189 45.41 -34.43 -2.92
C VAL A 189 46.64 -34.41 -2.02
N THR A 190 46.43 -34.31 -0.70
CA THR A 190 47.54 -34.35 0.26
C THR A 190 47.66 -35.75 0.87
N HIS A 191 48.84 -36.10 1.35
CA HIS A 191 49.09 -37.40 1.95
C HIS A 191 49.66 -37.21 3.35
N HIS A 192 49.08 -37.85 4.37
CA HIS A 192 49.58 -37.72 5.74
C HIS A 192 49.64 -39.08 6.42
N PRO A 193 50.84 -39.64 6.60
CA PRO A 193 50.93 -40.96 7.26
C PRO A 193 50.44 -40.92 8.71
N ILE A 194 49.44 -41.76 9.02
CA ILE A 194 48.85 -41.81 10.35
C ILE A 194 49.43 -42.96 11.23
N SER A 195 50.07 -43.94 10.60
CA SER A 195 50.65 -45.09 11.30
C SER A 195 51.78 -45.74 10.46
N ASP A 196 52.32 -46.89 10.92
CA ASP A 196 53.36 -47.64 10.22
C ASP A 196 52.81 -48.21 8.89
N HIS A 197 51.50 -48.55 8.84
CA HIS A 197 50.91 -49.12 7.64
C HIS A 197 49.66 -48.39 7.12
N GLU A 198 49.37 -47.17 7.62
CA GLU A 198 48.20 -46.43 7.15
C GLU A 198 48.46 -44.93 6.93
N ALA A 199 47.78 -44.36 5.94
CA ALA A 199 47.92 -42.95 5.63
C ALA A 199 46.57 -42.31 5.30
N THR A 200 46.45 -41.00 5.54
CA THR A 200 45.22 -40.26 5.25
C THR A 200 45.37 -39.52 3.92
N LEU A 201 44.40 -39.71 3.03
CA LEU A 201 44.40 -39.07 1.72
C LEU A 201 43.30 -38.00 1.69
N ARG A 202 43.69 -36.73 1.83
CA ARG A 202 42.74 -35.61 1.84
C ARG A 202 42.57 -35.00 0.43
N CYS A 203 41.35 -35.08 -0.12
CA CYS A 203 41.03 -34.52 -1.42
C CYS A 203 40.42 -33.13 -1.25
N TRP A 204 41.21 -32.08 -1.43
CA TRP A 204 40.80 -30.67 -1.28
C TRP A 204 40.17 -30.08 -2.55
N ALA A 205 39.26 -29.12 -2.35
CA ALA A 205 38.58 -28.35 -3.40
C ALA A 205 38.54 -26.91 -2.88
N LEU A 206 39.22 -25.99 -3.56
CA LEU A 206 39.29 -24.61 -3.09
C LEU A 206 38.83 -23.59 -4.14
N GLY A 207 38.39 -22.44 -3.68
CA GLY A 207 37.94 -21.34 -4.52
C GLY A 207 36.92 -21.66 -5.58
N PHE A 208 35.93 -22.49 -5.26
CA PHE A 208 34.88 -22.79 -6.21
C PHE A 208 33.60 -21.99 -5.89
N TYR A 209 32.83 -21.65 -6.93
CA TYR A 209 31.56 -20.95 -6.86
C TYR A 209 30.72 -21.50 -8.00
N PRO A 210 29.45 -21.89 -7.78
CA PRO A 210 28.68 -21.82 -6.53
C PRO A 210 29.05 -22.91 -5.51
N ALA A 211 28.41 -22.90 -4.33
CA ALA A 211 28.76 -23.82 -3.25
C ALA A 211 28.44 -25.30 -3.51
N GLU A 212 27.45 -25.59 -4.35
CA GLU A 212 27.09 -26.98 -4.64
C GLU A 212 28.27 -27.72 -5.31
N ILE A 213 28.72 -28.81 -4.67
CA ILE A 213 29.84 -29.63 -5.12
C ILE A 213 29.68 -31.06 -4.61
N THR A 214 30.34 -32.01 -5.27
CA THR A 214 30.36 -33.41 -4.84
C THR A 214 31.78 -33.97 -4.89
N LEU A 215 32.31 -34.40 -3.74
CA LEU A 215 33.63 -35.02 -3.68
C LEU A 215 33.41 -36.48 -3.28
N THR A 216 34.00 -37.40 -4.05
CA THR A 216 33.87 -38.83 -3.77
C THR A 216 35.17 -39.58 -3.98
N TRP A 217 35.63 -40.33 -2.96
CA TRP A 217 36.83 -41.15 -3.11
C TRP A 217 36.45 -42.51 -3.72
N GLN A 218 37.39 -43.13 -4.44
CA GLN A 218 37.14 -44.41 -5.08
C GLN A 218 38.35 -45.35 -5.00
N ARG A 219 38.17 -46.52 -4.39
CA ARG A 219 39.24 -47.52 -4.29
C ARG A 219 39.08 -48.47 -5.47
N ASP A 220 39.89 -48.27 -6.52
CA ASP A 220 39.87 -49.07 -7.75
C ASP A 220 38.53 -48.97 -8.49
N GLY A 221 37.97 -47.76 -8.50
CA GLY A 221 36.70 -47.50 -9.18
C GLY A 221 35.46 -47.73 -8.33
N GLU A 222 35.62 -48.14 -7.06
CA GLU A 222 34.49 -48.41 -6.17
C GLU A 222 34.28 -47.25 -5.19
N ASP A 223 33.08 -46.64 -5.19
CA ASP A 223 32.73 -45.50 -4.32
C ASP A 223 32.74 -45.82 -2.82
N GLN A 224 33.73 -45.28 -2.08
CA GLN A 224 33.91 -45.50 -0.64
C GLN A 224 33.19 -44.39 0.14
N THR A 225 31.98 -44.66 0.67
CA THR A 225 31.24 -43.62 1.39
C THR A 225 31.41 -43.70 2.92
N GLN A 226 31.49 -44.92 3.48
CA GLN A 226 31.63 -45.09 4.93
C GLN A 226 33.02 -44.74 5.48
N ASP A 227 34.06 -44.87 4.65
CA ASP A 227 35.42 -44.54 5.10
C ASP A 227 35.86 -43.11 4.75
N THR A 228 34.91 -42.24 4.37
CA THR A 228 35.21 -40.86 4.01
C THR A 228 34.83 -39.91 5.14
N GLU A 229 35.78 -39.08 5.56
CA GLU A 229 35.59 -38.03 6.58
C GLU A 229 35.28 -36.77 5.77
N LEU A 230 34.00 -36.56 5.47
CA LEU A 230 33.52 -35.45 4.65
C LEU A 230 33.13 -34.23 5.49
N VAL A 231 33.79 -33.08 5.24
CA VAL A 231 33.46 -31.86 5.96
C VAL A 231 32.39 -31.05 5.26
N GLU A 232 31.65 -30.25 6.02
CA GLU A 232 30.65 -29.37 5.44
C GLU A 232 31.33 -28.31 4.59
N THR A 233 30.72 -27.96 3.45
CA THR A 233 31.23 -26.89 2.60
C THR A 233 31.27 -25.59 3.41
N ARG A 234 32.39 -24.91 3.36
CA ARG A 234 32.62 -23.72 4.15
C ARG A 234 33.04 -22.55 3.27
N PRO A 235 32.71 -21.31 3.69
CA PRO A 235 33.13 -20.15 2.91
C PRO A 235 34.60 -19.78 3.08
N ALA A 236 35.28 -19.45 1.98
CA ALA A 236 36.66 -18.97 2.04
C ALA A 236 36.75 -17.53 2.58
N GLY A 237 35.68 -16.73 2.41
CA GLY A 237 35.64 -15.33 2.82
C GLY A 237 35.80 -14.34 1.68
N ASP A 238 35.86 -14.83 0.45
CA ASP A 238 35.99 -13.98 -0.74
C ASP A 238 34.94 -14.34 -1.79
N ARG A 239 33.76 -14.81 -1.33
CA ARG A 239 32.65 -15.25 -2.18
C ARG A 239 32.96 -16.59 -2.89
N THR A 240 33.99 -17.34 -2.46
CA THR A 240 34.27 -18.70 -2.97
C THR A 240 34.17 -19.69 -1.79
N PHE A 241 34.06 -20.98 -2.08
CA PHE A 241 33.90 -22.04 -1.07
C PHE A 241 35.03 -23.09 -1.07
N GLN A 242 35.07 -23.92 -0.02
CA GLN A 242 36.05 -24.99 0.16
C GLN A 242 35.35 -26.24 0.66
N LYS A 243 35.94 -27.41 0.38
CA LYS A 243 35.43 -28.69 0.85
C LYS A 243 36.51 -29.76 0.70
N TRP A 244 36.60 -30.69 1.66
CA TRP A 244 37.55 -31.80 1.54
C TRP A 244 36.92 -33.12 1.98
N ALA A 245 37.43 -34.21 1.37
CA ALA A 245 37.00 -35.58 1.63
C ALA A 245 38.27 -36.42 1.89
N ALA A 246 38.43 -36.92 3.11
CA ALA A 246 39.61 -37.68 3.49
C ALA A 246 39.29 -39.15 3.69
N VAL A 247 40.23 -40.04 3.30
CA VAL A 247 40.07 -41.49 3.46
C VAL A 247 41.32 -42.09 4.09
N VAL A 248 41.13 -43.17 4.87
CA VAL A 248 42.26 -43.87 5.48
C VAL A 248 42.61 -45.04 4.58
N VAL A 249 43.83 -45.03 4.05
CA VAL A 249 44.27 -46.03 3.06
C VAL A 249 45.51 -46.81 3.53
N PRO A 250 45.69 -48.08 3.07
CA PRO A 250 46.89 -48.83 3.47
C PRO A 250 48.12 -48.29 2.75
N SER A 251 49.17 -47.95 3.53
CA SER A 251 50.43 -47.40 3.04
C SER A 251 51.08 -48.30 1.98
N GLY A 252 50.88 -47.94 0.73
CA GLY A 252 51.38 -48.66 -0.43
C GLY A 252 50.40 -48.55 -1.57
N GLU A 253 49.11 -48.82 -1.31
CA GLU A 253 48.09 -48.74 -2.34
C GLU A 253 47.35 -47.39 -2.38
N GLU A 254 48.05 -46.30 -2.04
CA GLU A 254 47.49 -44.93 -2.06
C GLU A 254 47.08 -44.51 -3.47
N GLN A 255 47.84 -44.94 -4.47
CA GLN A 255 47.60 -44.61 -5.87
C GLN A 255 46.42 -45.39 -6.48
N ARG A 256 45.88 -46.40 -5.78
CA ARG A 256 44.69 -47.10 -6.23
C ARG A 256 43.40 -46.29 -5.87
N TYR A 257 43.55 -45.15 -5.14
CA TYR A 257 42.47 -44.28 -4.71
C TYR A 257 42.39 -43.05 -5.60
N THR A 258 41.20 -42.82 -6.17
CA THR A 258 40.95 -41.70 -7.07
C THR A 258 39.80 -40.84 -6.56
N CYS A 259 40.02 -39.53 -6.48
CA CYS A 259 38.99 -38.59 -6.05
C CYS A 259 38.21 -38.11 -7.27
N HIS A 260 36.87 -38.15 -7.21
CA HIS A 260 36.00 -37.70 -8.28
C HIS A 260 35.33 -36.38 -7.92
N VAL A 261 35.74 -35.29 -8.58
CA VAL A 261 35.22 -33.96 -8.30
C VAL A 261 34.10 -33.58 -9.27
N GLN A 262 32.90 -33.31 -8.72
CA GLN A 262 31.72 -32.93 -9.48
C GLN A 262 31.33 -31.47 -9.17
N HIS A 263 31.34 -30.59 -10.17
CA HIS A 263 31.01 -29.17 -9.98
C HIS A 263 30.57 -28.55 -11.32
N GLU A 264 29.65 -27.56 -11.26
CA GLU A 264 29.11 -26.80 -12.40
C GLU A 264 30.21 -26.06 -13.19
N GLY A 265 31.27 -25.64 -12.52
CA GLY A 265 32.37 -24.94 -13.14
C GLY A 265 33.27 -25.80 -14.01
N LEU A 266 33.16 -27.13 -13.88
CA LEU A 266 33.97 -28.06 -14.65
C LEU A 266 33.17 -28.57 -15.86
N PRO A 267 33.77 -28.51 -17.06
CA PRO A 267 33.07 -29.04 -18.25
C PRO A 267 32.80 -30.54 -18.12
N LYS A 268 33.79 -31.27 -17.58
CA LYS A 268 33.70 -32.70 -17.32
C LYS A 268 34.15 -32.93 -15.86
N PRO A 269 33.57 -33.92 -15.16
CA PRO A 269 34.02 -34.20 -13.78
C PRO A 269 35.51 -34.54 -13.73
N LEU A 270 36.24 -33.99 -12.75
CA LEU A 270 37.67 -34.25 -12.63
C LEU A 270 37.98 -35.50 -11.84
N THR A 271 39.13 -36.10 -12.13
CA THR A 271 39.64 -37.27 -11.42
C THR A 271 41.03 -36.93 -10.93
N LEU A 272 41.22 -37.03 -9.63
CA LEU A 272 42.46 -36.69 -8.94
C LEU A 272 43.10 -37.92 -8.30
N ARG A 273 44.38 -37.81 -7.99
CA ARG A 273 45.16 -38.86 -7.34
C ARG A 273 46.33 -38.19 -6.61
N TRP A 274 46.89 -38.84 -5.58
CA TRP A 274 48.06 -38.28 -4.90
C TRP A 274 49.26 -38.45 -5.82
N GLU A 275 49.96 -37.36 -6.07
CA GLU A 275 51.15 -37.34 -6.89
C GLU A 275 52.29 -37.00 -5.95
N PRO A 276 53.07 -38.00 -5.52
CA PRO A 276 54.16 -37.72 -4.57
C PRO A 276 55.24 -36.79 -5.14
N ILE B 1 13.84 -26.25 21.04
CA ILE B 1 14.91 -26.91 20.29
C ILE B 1 16.26 -26.15 20.40
N GLN B 2 17.32 -26.90 20.65
CA GLN B 2 18.65 -26.33 20.76
C GLN B 2 19.61 -27.17 19.95
N ARG B 3 20.42 -26.50 19.13
CA ARG B 3 21.40 -27.15 18.29
C ARG B 3 22.78 -26.56 18.56
N THR B 4 23.75 -27.45 18.72
CA THR B 4 25.14 -27.12 19.02
C THR B 4 25.86 -26.69 17.77
N PRO B 5 26.67 -25.65 17.87
CA PRO B 5 27.41 -25.22 16.68
C PRO B 5 28.48 -26.20 16.26
N LYS B 6 28.62 -26.41 14.97
CA LYS B 6 29.73 -27.13 14.37
C LYS B 6 30.79 -26.04 14.17
N ILE B 7 32.08 -26.35 14.41
CA ILE B 7 33.13 -25.34 14.31
C ILE B 7 34.22 -25.81 13.39
N GLN B 8 34.63 -24.95 12.45
CA GLN B 8 35.71 -25.25 11.52
C GLN B 8 36.67 -24.08 11.55
N VAL B 9 37.96 -24.36 11.77
CA VAL B 9 39.01 -23.35 11.82
C VAL B 9 39.96 -23.64 10.67
N TYR B 10 40.22 -22.62 9.84
CA TYR B 10 40.99 -22.82 8.61
C TYR B 10 41.48 -21.48 8.02
N SER B 11 42.40 -21.56 7.05
CA SER B 11 42.89 -20.35 6.38
C SER B 11 42.22 -20.24 5.02
N ARG B 12 42.08 -19.01 4.49
CA ARG B 12 41.45 -18.82 3.19
C ARG B 12 42.19 -19.59 2.07
N HIS B 13 43.52 -19.53 2.09
CA HIS B 13 44.33 -20.24 1.09
C HIS B 13 45.29 -21.20 1.82
N PRO B 14 45.93 -22.18 1.13
CA PRO B 14 46.90 -23.04 1.83
C PRO B 14 48.00 -22.21 2.49
N ALA B 15 48.27 -22.49 3.77
CA ALA B 15 49.23 -21.73 4.57
C ALA B 15 50.67 -21.80 4.09
N GLU B 16 51.39 -20.69 4.25
CA GLU B 16 52.80 -20.50 3.88
C GLU B 16 53.35 -19.45 4.82
N ASN B 17 54.43 -19.78 5.53
CA ASN B 17 55.01 -18.90 6.54
C ASN B 17 55.52 -17.56 5.98
N GLY B 18 55.17 -16.47 6.64
CA GLY B 18 55.58 -15.14 6.22
C GLY B 18 54.75 -14.53 5.11
N LYS B 19 53.78 -15.30 4.56
CA LYS B 19 52.92 -14.82 3.48
C LYS B 19 51.48 -14.52 3.95
N SER B 20 50.94 -13.36 3.55
CA SER B 20 49.59 -12.92 3.92
C SER B 20 48.49 -13.91 3.56
N ASN B 21 47.58 -14.12 4.51
CA ASN B 21 46.46 -15.04 4.38
C ASN B 21 45.29 -14.54 5.26
N PHE B 22 44.19 -15.30 5.30
CA PHE B 22 43.05 -14.94 6.14
C PHE B 22 42.77 -16.09 7.10
N LEU B 23 42.59 -15.80 8.38
CA LEU B 23 42.26 -16.83 9.36
C LEU B 23 40.73 -16.85 9.56
N ASN B 24 40.10 -17.97 9.26
CA ASN B 24 38.65 -18.11 9.37
C ASN B 24 38.20 -19.05 10.49
N CYS B 25 37.01 -18.77 11.03
CA CYS B 25 36.34 -19.67 11.94
C CYS B 25 34.87 -19.64 11.56
N TYR B 26 34.39 -20.73 10.98
CA TYR B 26 33.04 -20.91 10.51
C TYR B 26 32.25 -21.68 11.54
N VAL B 27 31.20 -21.06 12.08
CA VAL B 27 30.32 -21.71 13.05
C VAL B 27 28.96 -21.86 12.37
N SER B 28 28.41 -23.07 12.40
CA SER B 28 27.16 -23.35 11.70
C SER B 28 26.33 -24.42 12.42
N GLY B 29 25.10 -24.63 11.95
CA GLY B 29 24.21 -25.64 12.50
C GLY B 29 23.69 -25.35 13.89
N PHE B 30 23.79 -24.10 14.38
CA PHE B 30 23.37 -23.79 15.74
C PHE B 30 22.01 -23.07 15.85
N HIS B 31 21.39 -23.15 17.03
CA HIS B 31 20.12 -22.50 17.35
C HIS B 31 20.00 -22.58 18.87
N PRO B 32 19.67 -21.47 19.59
CA PRO B 32 19.34 -20.13 19.09
C PRO B 32 20.55 -19.36 18.54
N SER B 33 20.33 -18.13 18.03
CA SER B 33 21.33 -17.30 17.34
C SER B 33 22.45 -16.71 18.19
N ASP B 34 22.21 -16.46 19.47
CA ASP B 34 23.24 -15.88 20.37
C ASP B 34 24.47 -16.75 20.44
N ILE B 35 25.61 -16.20 20.04
CA ILE B 35 26.87 -16.96 20.06
C ILE B 35 28.06 -16.03 20.32
N GLU B 36 29.06 -16.53 21.04
CA GLU B 36 30.26 -15.76 21.32
C GLU B 36 31.37 -16.42 20.55
N VAL B 37 31.97 -15.72 19.58
CA VAL B 37 33.06 -16.31 18.81
C VAL B 37 34.29 -15.40 18.87
N ASP B 38 35.45 -15.96 19.20
CA ASP B 38 36.69 -15.19 19.29
C ASP B 38 37.80 -15.89 18.55
N LEU B 39 38.67 -15.12 17.90
CA LEU B 39 39.84 -15.70 17.26
C LEU B 39 41.03 -15.45 18.18
N LEU B 40 41.89 -16.46 18.31
CA LEU B 40 43.01 -16.39 19.22
C LEU B 40 44.38 -16.58 18.54
N LYS B 41 45.37 -15.78 18.95
CA LYS B 41 46.75 -15.84 18.51
C LYS B 41 47.60 -16.12 19.75
N ASN B 42 48.15 -17.33 19.86
CA ASN B 42 48.94 -17.78 21.00
C ASN B 42 48.13 -17.70 22.32
N GLY B 43 46.84 -18.01 22.23
CA GLY B 43 45.94 -18.00 23.38
C GLY B 43 45.40 -16.63 23.76
N GLU B 44 45.76 -15.59 23.01
CA GLU B 44 45.29 -14.24 23.30
C GLU B 44 44.25 -13.79 22.27
N ARG B 45 43.23 -13.05 22.72
CA ARG B 45 42.11 -12.56 21.89
C ARG B 45 42.52 -11.54 20.82
N ILE B 46 42.35 -11.92 19.53
CA ILE B 46 42.64 -11.03 18.40
C ILE B 46 41.55 -9.97 18.31
N GLU B 47 41.93 -8.71 18.43
CA GLU B 47 41.02 -7.57 18.45
C GLU B 47 40.48 -7.19 17.07
N LYS B 48 41.26 -7.44 16.02
CA LYS B 48 40.85 -7.11 14.66
C LYS B 48 40.10 -8.30 14.04
N VAL B 49 38.86 -8.57 14.50
CA VAL B 49 38.10 -9.70 13.94
C VAL B 49 36.71 -9.28 13.46
N GLU B 50 36.43 -9.50 12.17
CA GLU B 50 35.12 -9.18 11.63
C GLU B 50 34.28 -10.45 11.40
N HIS B 51 32.96 -10.29 11.24
CA HIS B 51 32.11 -11.45 10.98
C HIS B 51 31.06 -11.19 9.91
N SER B 52 30.63 -12.24 9.23
CA SER B 52 29.58 -12.14 8.23
C SER B 52 28.21 -11.81 8.90
N ASP B 53 27.20 -11.45 8.12
CA ASP B 53 25.90 -11.10 8.66
C ASP B 53 25.11 -12.38 8.90
N LEU B 54 24.48 -12.47 10.06
CA LEU B 54 23.68 -13.61 10.47
C LEU B 54 22.72 -14.14 9.41
N SER B 55 22.94 -15.40 9.01
CA SER B 55 22.06 -16.03 8.07
C SER B 55 21.78 -17.47 8.53
N PHE B 56 21.03 -18.24 7.76
CA PHE B 56 20.65 -19.58 8.15
C PHE B 56 20.39 -20.48 6.96
N SER B 57 20.45 -21.79 7.22
CA SER B 57 20.27 -22.87 6.25
C SER B 57 18.82 -23.29 6.11
N LYS B 58 18.51 -24.19 5.18
CA LYS B 58 17.15 -24.69 4.95
C LYS B 58 16.52 -25.32 6.18
N ASP B 59 17.32 -25.91 7.05
CA ASP B 59 16.81 -26.49 8.29
C ASP B 59 16.64 -25.46 9.43
N TRP B 60 16.85 -24.15 9.14
CA TRP B 60 16.71 -23.01 10.08
C TRP B 60 17.90 -22.78 11.01
N SER B 61 18.96 -23.62 10.89
CA SER B 61 20.11 -23.44 11.78
C SER B 61 20.95 -22.29 11.25
N PHE B 62 21.49 -21.50 12.16
CA PHE B 62 22.28 -20.34 11.81
C PHE B 62 23.73 -20.68 11.43
N TYR B 63 24.39 -19.74 10.74
CA TYR B 63 25.80 -19.80 10.38
C TYR B 63 26.43 -18.44 10.32
N LEU B 64 27.69 -18.35 10.69
CA LEU B 64 28.43 -17.10 10.73
C LEU B 64 29.89 -17.43 10.44
N LEU B 65 30.59 -16.52 9.74
CA LEU B 65 32.02 -16.69 9.48
C LEU B 65 32.73 -15.58 10.20
N TYR B 66 33.65 -15.91 11.11
CA TYR B 66 34.48 -14.93 11.78
C TYR B 66 35.86 -14.97 11.06
N TYR B 67 36.45 -13.81 10.72
CA TYR B 67 37.69 -13.78 9.94
C TYR B 67 38.61 -12.64 10.30
N THR B 68 39.92 -12.84 10.07
CA THR B 68 40.95 -11.83 10.33
C THR B 68 42.13 -12.00 9.38
N GLU B 69 42.74 -10.89 8.97
CA GLU B 69 43.93 -10.96 8.12
C GLU B 69 45.09 -11.40 9.00
N PHE B 70 45.90 -12.36 8.55
CA PHE B 70 47.02 -12.84 9.34
C PHE B 70 48.23 -13.26 8.50
N THR B 71 49.40 -13.22 9.12
CA THR B 71 50.61 -13.69 8.47
C THR B 71 51.14 -14.84 9.33
N PRO B 72 50.83 -16.09 8.95
CA PRO B 72 51.23 -17.22 9.77
C PRO B 72 52.73 -17.50 9.83
N THR B 73 53.21 -17.99 10.97
CA THR B 73 54.59 -18.42 11.20
C THR B 73 54.58 -19.84 11.79
N GLU B 74 55.73 -20.56 11.78
CA GLU B 74 55.74 -21.93 12.30
C GLU B 74 55.66 -21.98 13.85
N LYS B 75 56.07 -20.90 14.54
CA LYS B 75 55.99 -20.88 16.00
C LYS B 75 54.64 -20.41 16.52
N ASP B 76 53.91 -19.58 15.73
CA ASP B 76 52.62 -19.05 16.18
C ASP B 76 51.48 -20.05 16.08
N GLU B 77 50.71 -20.12 17.18
CA GLU B 77 49.54 -20.99 17.30
C GLU B 77 48.24 -20.16 17.24
N TYR B 78 47.25 -20.66 16.51
CA TYR B 78 45.97 -19.97 16.35
C TYR B 78 44.82 -20.90 16.72
N ALA B 79 43.75 -20.33 17.27
CA ALA B 79 42.59 -21.12 17.67
C ALA B 79 41.28 -20.30 17.58
N CYS B 80 40.13 -20.98 17.56
CA CYS B 80 38.83 -20.32 17.61
C CYS B 80 38.13 -20.70 18.93
N ARG B 81 37.68 -19.73 19.69
CA ARG B 81 36.99 -19.98 20.96
C ARG B 81 35.50 -19.67 20.76
N VAL B 82 34.63 -20.64 21.06
CA VAL B 82 33.19 -20.52 20.85
C VAL B 82 32.36 -20.82 22.11
N ASN B 83 31.38 -19.95 22.43
CA ASN B 83 30.44 -20.26 23.51
C ASN B 83 28.98 -20.05 23.04
N HIS B 84 28.10 -20.93 23.46
CA HIS B 84 26.67 -20.97 23.12
C HIS B 84 25.92 -21.64 24.29
N VAL B 85 24.57 -21.44 24.43
CA VAL B 85 23.80 -22.06 25.52
CA VAL B 85 23.78 -22.08 25.50
C VAL B 85 24.00 -23.57 25.58
N THR B 86 24.17 -24.22 24.43
CA THR B 86 24.36 -25.65 24.37
C THR B 86 25.70 -26.16 24.89
N LEU B 87 26.63 -25.26 25.23
CA LEU B 87 27.96 -25.64 25.73
C LEU B 87 28.12 -25.24 27.19
N SER B 88 28.48 -26.18 28.06
CA SER B 88 28.70 -25.88 29.48
C SER B 88 29.89 -24.96 29.72
N GLN B 89 30.85 -24.96 28.78
CA GLN B 89 32.06 -24.15 28.84
C GLN B 89 32.48 -23.76 27.39
N PRO B 90 33.24 -22.65 27.22
CA PRO B 90 33.71 -22.29 25.88
C PRO B 90 34.54 -23.40 25.25
N LYS B 91 34.32 -23.68 23.96
CA LYS B 91 35.04 -24.73 23.27
C LYS B 91 36.13 -24.09 22.38
N ILE B 92 37.39 -24.50 22.59
CA ILE B 92 38.52 -23.99 21.82
C ILE B 92 38.92 -25.01 20.77
N VAL B 93 38.91 -24.58 19.49
CA VAL B 93 39.29 -25.44 18.37
C VAL B 93 40.56 -24.87 17.75
N LYS B 94 41.65 -25.63 17.76
CA LYS B 94 42.93 -25.14 17.28
C LYS B 94 43.09 -25.30 15.78
N TRP B 95 43.72 -24.30 15.15
CA TRP B 95 43.98 -24.30 13.73
C TRP B 95 45.09 -25.30 13.40
N ASP B 96 44.77 -26.24 12.53
CA ASP B 96 45.65 -27.30 12.04
C ASP B 96 45.71 -27.02 10.54
N ARG B 97 46.83 -26.45 10.05
CA ARG B 97 46.97 -26.04 8.64
C ARG B 97 46.67 -27.12 7.58
N ASP B 98 46.64 -28.40 7.97
CA ASP B 98 46.36 -29.47 7.01
C ASP B 98 44.88 -29.83 6.86
N MET B 99 43.95 -29.05 7.43
CA MET B 99 42.52 -29.36 7.31
C MET B 99 41.60 -28.12 7.31
N LYS C 1 5.86 7.43 -11.81
CA LYS C 1 6.08 6.80 -13.10
C LYS C 1 4.79 6.17 -13.63
N GLN C 2 3.94 5.63 -12.73
CA GLN C 2 2.64 5.12 -13.15
C GLN C 2 1.77 6.34 -13.44
N GLU C 3 1.15 6.36 -14.62
CA GLU C 3 0.28 7.47 -15.00
C GLU C 3 -1.04 6.91 -15.48
N VAL C 4 -2.15 7.39 -14.93
CA VAL C 4 -3.46 6.91 -15.28
C VAL C 4 -4.21 8.04 -15.96
N THR C 5 -4.75 7.76 -17.14
CA THR C 5 -5.44 8.74 -17.97
CA THR C 5 -5.49 8.77 -17.89
C THR C 5 -6.88 8.31 -18.27
N GLN C 6 -7.85 9.24 -18.19
CA GLN C 6 -9.25 9.04 -18.49
C GLN C 6 -9.63 10.09 -19.52
N ILE C 7 -9.76 9.67 -20.76
CA ILE C 7 -10.13 10.57 -21.86
C ILE C 7 -11.33 9.97 -22.56
N PRO C 8 -12.46 10.68 -22.69
CA PRO C 8 -12.66 12.09 -22.34
C PRO C 8 -12.85 12.33 -20.86
N ALA C 9 -12.55 13.57 -20.41
CA ALA C 9 -12.70 14.01 -19.04
C ALA C 9 -14.14 14.41 -18.69
N ALA C 10 -15.02 14.53 -19.68
CA ALA C 10 -16.41 14.87 -19.49
C ALA C 10 -17.23 14.24 -20.62
N LEU C 11 -18.45 13.85 -20.31
CA LEU C 11 -19.34 13.22 -21.26
C LEU C 11 -20.77 13.63 -20.89
N SER C 12 -21.55 14.05 -21.86
CA SER C 12 -22.96 14.43 -21.66
C SER C 12 -23.77 13.53 -22.55
N VAL C 13 -24.54 12.62 -21.93
CA VAL C 13 -25.25 11.55 -22.64
C VAL C 13 -26.77 11.60 -22.41
N PRO C 14 -27.59 11.42 -23.45
CA PRO C 14 -29.05 11.33 -23.21
C PRO C 14 -29.41 10.00 -22.54
N GLU C 15 -30.30 10.03 -21.55
CA GLU C 15 -30.77 8.83 -20.82
C GLU C 15 -31.22 7.70 -21.76
N GLY C 16 -30.88 6.46 -21.41
CA GLY C 16 -31.26 5.30 -22.20
C GLY C 16 -30.12 4.76 -23.05
N GLU C 17 -29.23 5.66 -23.50
CA GLU C 17 -28.07 5.25 -24.30
C GLU C 17 -27.02 4.50 -23.51
N ASN C 18 -26.40 3.50 -24.11
CA ASN C 18 -25.31 2.77 -23.49
C ASN C 18 -24.10 3.66 -23.58
N LEU C 19 -23.25 3.60 -22.57
CA LEU C 19 -22.03 4.40 -22.59
C LEU C 19 -20.83 3.62 -22.10
N VAL C 20 -19.66 4.08 -22.48
CA VAL C 20 -18.39 3.47 -22.12
C VAL C 20 -17.50 4.58 -21.52
N LEU C 21 -16.75 4.24 -20.46
CA LEU C 21 -15.79 5.16 -19.83
C LEU C 21 -14.43 4.52 -19.96
N ASN C 22 -13.41 5.27 -20.40
CA ASN C 22 -12.09 4.73 -20.67
C ASN C 22 -11.04 5.04 -19.65
N CYS C 23 -10.09 4.13 -19.50
CA CYS C 23 -9.00 4.29 -18.55
C CYS C 23 -7.77 3.66 -19.17
N SER C 24 -6.65 4.35 -19.08
CA SER C 24 -5.38 3.80 -19.54
CA SER C 24 -5.34 3.88 -19.58
C SER C 24 -4.31 4.02 -18.46
N PHE C 25 -3.34 3.12 -18.41
CA PHE C 25 -2.29 3.18 -17.41
C PHE C 25 -0.97 2.71 -18.06
N THR C 26 0.14 3.39 -17.77
CA THR C 26 1.45 3.21 -18.41
C THR C 26 2.24 2.02 -17.91
N ASP C 27 2.03 1.61 -16.66
CA ASP C 27 2.71 0.44 -16.11
C ASP C 27 1.70 -0.70 -16.02
N SER C 28 1.89 -1.76 -16.82
CA SER C 28 1.00 -2.92 -16.88
C SER C 28 1.10 -3.87 -15.71
N ALA C 29 2.16 -3.76 -14.89
CA ALA C 29 2.32 -4.68 -13.76
C ALA C 29 1.48 -4.25 -12.55
N ILE C 30 0.15 -4.25 -12.70
CA ILE C 30 -0.76 -3.86 -11.65
C ILE C 30 -1.38 -5.06 -10.98
N TYR C 31 -1.84 -4.88 -9.74
CA TYR C 31 -2.49 -5.93 -8.98
C TYR C 31 -3.98 -5.77 -9.07
N ASN C 32 -4.47 -4.55 -8.82
CA ASN C 32 -5.88 -4.23 -8.83
C ASN C 32 -6.12 -3.05 -9.76
N LEU C 33 -7.35 -2.97 -10.24
CA LEU C 33 -7.88 -1.80 -10.89
C LEU C 33 -9.24 -1.57 -10.24
N GLN C 34 -9.50 -0.38 -9.74
CA GLN C 34 -10.78 -0.06 -9.12
C GLN C 34 -11.43 1.10 -9.81
N TRP C 35 -12.74 1.03 -9.98
CA TRP C 35 -13.53 2.13 -10.49
C TRP C 35 -14.32 2.67 -9.33
N PHE C 36 -14.36 3.99 -9.19
CA PHE C 36 -15.11 4.66 -8.13
C PHE C 36 -16.01 5.71 -8.73
N ARG C 37 -17.04 6.11 -7.98
CA ARG C 37 -17.81 7.27 -8.32
C ARG C 37 -17.71 8.28 -7.16
N GLN C 38 -17.80 9.55 -7.51
CA GLN C 38 -17.70 10.62 -6.54
C GLN C 38 -18.82 11.62 -6.82
N ASP C 39 -19.71 11.78 -5.84
CA ASP C 39 -20.84 12.70 -5.95
C ASP C 39 -20.47 14.04 -5.31
N PRO C 40 -21.05 15.17 -5.76
CA PRO C 40 -20.65 16.48 -5.22
C PRO C 40 -20.75 16.57 -3.69
N GLY C 41 -19.70 17.07 -3.06
CA GLY C 41 -19.64 17.17 -1.61
C GLY C 41 -19.48 15.83 -0.90
N LYS C 42 -19.09 14.79 -1.65
CA LYS C 42 -18.92 13.46 -1.09
C LYS C 42 -17.52 12.89 -1.36
N GLY C 43 -17.19 11.79 -0.67
CA GLY C 43 -15.93 11.09 -0.89
C GLY C 43 -16.08 10.07 -2.00
N LEU C 44 -15.31 8.98 -1.95
CA LEU C 44 -15.34 7.95 -2.98
C LEU C 44 -16.28 6.81 -2.71
N THR C 45 -16.93 6.29 -3.74
CA THR C 45 -17.80 5.13 -3.62
C THR C 45 -17.22 4.08 -4.54
N SER C 46 -16.72 2.96 -3.99
CA SER C 46 -16.20 1.88 -4.81
C SER C 46 -17.33 1.27 -5.66
N LEU C 47 -17.10 1.11 -6.97
CA LEU C 47 -18.11 0.54 -7.86
C LEU C 47 -17.72 -0.91 -8.20
N LEU C 48 -16.50 -1.10 -8.71
CA LEU C 48 -16.06 -2.42 -9.17
C LEU C 48 -14.56 -2.53 -8.96
N LEU C 49 -14.11 -3.76 -8.77
CA LEU C 49 -12.72 -4.12 -8.63
C LEU C 49 -12.48 -5.17 -9.73
N ILE C 50 -11.38 -5.05 -10.44
CA ILE C 50 -11.04 -6.04 -11.44
C ILE C 50 -9.53 -6.32 -11.37
N GLN C 51 -9.18 -7.61 -11.48
CA GLN C 51 -7.78 -8.03 -11.38
C GLN C 51 -7.33 -8.92 -12.53
N SER C 52 -8.27 -9.54 -13.25
CA SER C 52 -7.92 -10.44 -14.33
C SER C 52 -8.37 -9.95 -15.66
N SER C 53 -7.45 -9.97 -16.63
CA SER C 53 -7.69 -9.60 -18.01
C SER C 53 -8.62 -10.61 -18.72
N GLN C 54 -8.64 -11.89 -18.27
CA GLN C 54 -9.53 -12.88 -18.88
C GLN C 54 -10.96 -12.81 -18.29
N ARG C 55 -11.10 -12.41 -17.01
CA ARG C 55 -12.43 -12.27 -16.40
C ARG C 55 -13.04 -10.84 -16.62
N GLU C 56 -14.35 -10.70 -16.34
CA GLU C 56 -15.09 -9.44 -16.56
C GLU C 56 -16.06 -9.18 -15.38
N GLN C 57 -15.76 -8.19 -14.53
CA GLN C 57 -16.61 -7.91 -13.36
C GLN C 57 -17.87 -7.11 -13.67
N THR C 58 -19.02 -7.57 -13.18
CA THR C 58 -20.31 -6.91 -13.39
C THR C 58 -21.00 -6.61 -12.04
N SER C 59 -21.78 -5.52 -11.99
CA SER C 59 -22.55 -5.10 -10.82
C SER C 59 -23.81 -4.41 -11.31
N GLY C 60 -24.76 -5.21 -11.78
CA GLY C 60 -26.02 -4.69 -12.31
C GLY C 60 -25.82 -4.20 -13.72
N ARG C 61 -26.12 -2.91 -13.97
CA ARG C 61 -25.88 -2.33 -15.28
C ARG C 61 -24.39 -1.95 -15.50
N LEU C 62 -23.56 -2.05 -14.44
CA LEU C 62 -22.13 -1.72 -14.53
C LEU C 62 -21.34 -2.93 -14.91
N ASN C 63 -20.44 -2.78 -15.85
CA ASN C 63 -19.63 -3.89 -16.32
C ASN C 63 -18.22 -3.35 -16.59
N ALA C 64 -17.16 -4.10 -16.25
CA ALA C 64 -15.82 -3.63 -16.45
C ALA C 64 -14.97 -4.67 -17.08
N SER C 65 -14.09 -4.25 -17.97
CA SER C 65 -13.14 -5.13 -18.63
C SER C 65 -11.72 -4.64 -18.36
N LEU C 66 -10.73 -5.52 -18.50
CA LEU C 66 -9.35 -5.14 -18.24
C LEU C 66 -8.43 -5.79 -19.22
N ASP C 67 -7.45 -5.04 -19.71
CA ASP C 67 -6.41 -5.60 -20.53
C ASP C 67 -5.11 -5.05 -20.05
N LYS C 68 -4.43 -5.84 -19.23
CA LYS C 68 -3.18 -5.41 -18.63
C LYS C 68 -2.10 -5.18 -19.64
N SER C 69 -1.97 -6.06 -20.65
CA SER C 69 -0.95 -5.94 -21.72
C SER C 69 -1.04 -4.61 -22.40
N SER C 70 -2.26 -4.20 -22.81
CA SER C 70 -2.47 -2.91 -23.48
C SER C 70 -2.51 -1.72 -22.54
N GLY C 71 -2.66 -1.96 -21.23
CA GLY C 71 -2.76 -0.90 -20.25
C GLY C 71 -4.09 -0.20 -20.38
N ARG C 72 -5.15 -0.97 -20.52
CA ARG C 72 -6.47 -0.41 -20.74
C ARG C 72 -7.55 -1.01 -19.86
N SER C 73 -8.57 -0.23 -19.51
CA SER C 73 -9.76 -0.76 -18.85
C SER C 73 -10.95 0.03 -19.35
N THR C 74 -12.11 -0.60 -19.41
CA THR C 74 -13.33 0.08 -19.80
C THR C 74 -14.42 -0.17 -18.78
N LEU C 75 -15.20 0.86 -18.47
CA LEU C 75 -16.37 0.70 -17.61
C LEU C 75 -17.59 0.92 -18.52
N TYR C 76 -18.43 -0.08 -18.63
CA TYR C 76 -19.61 -0.03 -19.46
C TYR C 76 -20.81 0.27 -18.60
N ILE C 77 -21.63 1.24 -19.01
CA ILE C 77 -22.88 1.52 -18.32
C ILE C 77 -24.02 1.27 -19.31
N ALA C 78 -24.77 0.17 -19.13
CA ALA C 78 -25.88 -0.11 -20.04
C ALA C 78 -27.08 0.72 -19.62
N ALA C 79 -27.86 1.18 -20.59
CA ALA C 79 -29.11 1.94 -20.38
C ALA C 79 -28.97 3.01 -19.29
N SER C 80 -28.11 3.99 -19.56
CA SER C 80 -27.79 5.04 -18.61
C SER C 80 -29.01 5.75 -18.04
N GLN C 81 -28.95 6.08 -16.76
CA GLN C 81 -30.00 6.79 -16.06
C GLN C 81 -29.46 8.11 -15.51
N PRO C 82 -30.31 9.14 -15.36
CA PRO C 82 -29.83 10.39 -14.75
C PRO C 82 -29.13 10.23 -13.39
N GLY C 83 -29.53 9.24 -12.60
CA GLY C 83 -28.88 8.97 -11.31
C GLY C 83 -27.44 8.47 -11.44
N ASP C 84 -27.03 8.06 -12.66
CA ASP C 84 -25.66 7.65 -12.94
C ASP C 84 -24.72 8.87 -13.01
N SER C 85 -25.25 10.11 -13.09
CA SER C 85 -24.45 11.33 -13.21
C SER C 85 -23.58 11.48 -12.00
N ALA C 86 -22.25 11.60 -12.21
CA ALA C 86 -21.21 11.68 -11.17
C ALA C 86 -19.83 11.73 -11.83
N THR C 87 -18.76 11.95 -11.06
CA THR C 87 -17.42 11.83 -11.58
C THR C 87 -16.97 10.38 -11.36
N TYR C 88 -16.52 9.73 -12.43
CA TYR C 88 -16.06 8.37 -12.38
C TYR C 88 -14.56 8.37 -12.39
N LEU C 89 -13.97 7.68 -11.44
CA LEU C 89 -12.54 7.66 -11.31
C LEU C 89 -12.01 6.24 -11.45
N CYS C 90 -10.92 6.08 -12.19
CA CYS C 90 -10.27 4.79 -12.27
C CYS C 90 -8.94 4.91 -11.55
N ALA C 91 -8.57 3.85 -10.85
CA ALA C 91 -7.36 3.88 -10.08
C ALA C 91 -6.71 2.51 -10.13
N VAL C 92 -5.41 2.50 -10.14
CA VAL C 92 -4.65 1.26 -10.26
C VAL C 92 -3.63 1.15 -9.15
N THR C 93 -3.41 -0.07 -8.62
CA THR C 93 -2.40 -0.33 -7.58
C THR C 93 -1.34 -1.26 -8.22
N LEU C 94 -0.05 -1.06 -7.91
CA LEU C 94 1.02 -1.91 -8.46
C LEU C 94 1.17 -3.19 -7.67
N ASN C 95 1.86 -4.21 -8.24
CA ASN C 95 2.15 -5.40 -7.45
C ASN C 95 3.18 -5.00 -6.34
N ASN C 96 3.12 -5.69 -5.22
CA ASN C 96 4.03 -5.46 -4.10
C ASN C 96 3.88 -4.12 -3.46
N ASN C 97 2.66 -3.59 -3.47
CA ASN C 97 2.26 -2.36 -2.81
C ASN C 97 0.93 -2.69 -2.12
N ALA C 98 0.59 -1.99 -1.04
CA ALA C 98 -0.70 -2.14 -0.38
C ALA C 98 -1.83 -1.79 -1.38
N GLY C 99 -2.96 -2.49 -1.29
CA GLY C 99 -4.15 -2.20 -2.09
C GLY C 99 -4.63 -0.76 -1.89
N ASN C 100 -4.22 -0.11 -0.76
CA ASN C 100 -4.63 1.29 -0.53
C ASN C 100 -3.76 2.33 -1.27
N MET C 101 -2.69 1.90 -1.93
CA MET C 101 -1.77 2.77 -2.69
C MET C 101 -2.15 2.73 -4.15
N LEU C 102 -2.88 3.75 -4.59
CA LEU C 102 -3.45 3.88 -5.89
C LEU C 102 -2.91 5.09 -6.62
N THR C 103 -2.85 4.97 -7.92
CA THR C 103 -2.56 6.10 -8.81
C THR C 103 -3.90 6.31 -9.49
N PHE C 104 -4.47 7.49 -9.35
CA PHE C 104 -5.77 7.82 -9.87
C PHE C 104 -5.70 8.52 -11.21
N GLY C 105 -6.69 8.28 -12.04
CA GLY C 105 -6.84 9.07 -13.26
C GLY C 105 -7.47 10.41 -12.88
N GLY C 106 -7.66 11.28 -13.86
CA GLY C 106 -8.25 12.59 -13.61
C GLY C 106 -9.76 12.60 -13.51
N GLY C 107 -10.37 11.49 -13.86
CA GLY C 107 -11.82 11.33 -13.78
C GLY C 107 -12.59 11.78 -14.99
N THR C 108 -13.78 11.22 -15.15
CA THR C 108 -14.69 11.63 -16.20
C THR C 108 -15.97 12.11 -15.53
N ARG C 109 -16.37 13.36 -15.76
CA ARG C 109 -17.63 13.89 -15.23
C ARG C 109 -18.71 13.45 -16.21
N LEU C 110 -19.55 12.51 -15.81
CA LEU C 110 -20.61 11.99 -16.63
C LEU C 110 -21.90 12.71 -16.27
N MET C 111 -22.62 13.20 -17.26
CA MET C 111 -23.90 13.83 -17.06
C MET C 111 -24.89 13.11 -17.95
N VAL C 112 -25.87 12.41 -17.34
CA VAL C 112 -26.88 11.70 -18.10
C VAL C 112 -28.14 12.55 -18.00
N LYS C 113 -28.57 13.15 -19.12
CA LYS C 113 -29.69 14.07 -19.09
C LYS C 113 -31.00 13.36 -19.32
N PRO C 114 -32.05 13.75 -18.57
CA PRO C 114 -33.34 13.04 -18.68
C PRO C 114 -34.02 13.20 -20.02
N ASN C 115 -34.79 12.18 -20.38
CA ASN C 115 -35.57 12.19 -21.60
C ASN C 115 -36.87 12.90 -21.24
N ILE C 116 -37.04 14.15 -21.65
CA ILE C 116 -38.28 14.88 -21.35
C ILE C 116 -39.30 14.51 -22.44
N GLN C 117 -40.21 13.59 -22.13
CA GLN C 117 -41.20 13.13 -23.13
C GLN C 117 -42.14 14.24 -23.59
N ASN C 118 -42.77 14.96 -22.65
CA ASN C 118 -43.69 16.06 -22.98
C ASN C 118 -43.22 17.37 -22.37
N PRO C 119 -42.29 18.06 -23.04
CA PRO C 119 -41.80 19.35 -22.51
C PRO C 119 -42.89 20.43 -22.45
N ASP C 120 -42.85 21.24 -21.39
CA ASP C 120 -43.78 22.34 -21.20
C ASP C 120 -42.98 23.49 -20.57
N PRO C 121 -42.01 24.07 -21.29
CA PRO C 121 -41.17 25.12 -20.68
C PRO C 121 -41.95 26.30 -20.17
N ALA C 122 -41.62 26.73 -18.96
CA ALA C 122 -42.31 27.85 -18.33
C ALA C 122 -41.42 28.53 -17.29
N VAL C 123 -41.70 29.81 -17.01
CA VAL C 123 -41.00 30.53 -15.95
C VAL C 123 -42.07 30.95 -14.95
N TYR C 124 -42.00 30.46 -13.70
CA TYR C 124 -43.00 30.79 -12.69
C TYR C 124 -42.46 31.71 -11.58
N GLN C 125 -43.36 32.53 -11.02
CA GLN C 125 -43.07 33.48 -9.94
C GLN C 125 -43.32 32.82 -8.59
N LEU C 126 -42.37 32.92 -7.64
CA LEU C 126 -42.49 32.29 -6.34
C LEU C 126 -42.37 33.27 -5.16
N ARG C 127 -43.28 33.15 -4.16
CA ARG C 127 -43.41 33.94 -2.92
C ARG C 127 -42.62 35.26 -2.81
N ASP C 128 -43.33 36.40 -2.68
CA ASP C 128 -42.66 37.69 -2.46
C ASP C 128 -42.34 37.92 -0.95
N SER C 129 -41.59 39.00 -0.60
CA SER C 129 -41.16 39.37 0.75
C SER C 129 -42.12 39.01 1.91
N LYS C 130 -41.56 38.38 2.97
CA LYS C 130 -42.23 37.97 4.22
C LYS C 130 -41.14 37.65 5.25
N SER C 131 -40.14 36.86 4.83
CA SER C 131 -38.97 36.47 5.62
C SER C 131 -37.65 36.69 4.84
N SER C 132 -37.73 37.16 3.57
CA SER C 132 -36.56 37.40 2.72
C SER C 132 -36.86 38.54 1.72
N ASP C 133 -35.85 39.37 1.42
CA ASP C 133 -35.97 40.48 0.45
C ASP C 133 -35.98 40.01 -1.01
N LYS C 134 -35.67 38.72 -1.27
CA LYS C 134 -35.59 38.15 -2.61
C LYS C 134 -36.97 37.78 -3.20
N SER C 135 -37.00 37.60 -4.53
CA SER C 135 -38.13 37.15 -5.35
C SER C 135 -37.56 36.07 -6.28
N VAL C 136 -38.13 34.86 -6.25
CA VAL C 136 -37.58 33.74 -7.02
C VAL C 136 -38.37 33.40 -8.29
N CYS C 137 -37.65 33.19 -9.40
CA CYS C 137 -38.18 32.77 -10.69
C CYS C 137 -37.74 31.31 -10.92
N LEU C 138 -38.65 30.46 -11.40
CA LEU C 138 -38.39 29.06 -11.63
C LEU C 138 -38.61 28.68 -13.08
N PHE C 139 -37.53 28.49 -13.84
CA PHE C 139 -37.61 28.03 -15.23
C PHE C 139 -37.66 26.52 -15.12
N THR C 140 -38.73 25.89 -15.63
CA THR C 140 -38.91 24.46 -15.48
C THR C 140 -39.59 23.80 -16.68
N ASP C 141 -39.56 22.46 -16.73
CA ASP C 141 -40.17 21.57 -17.73
C ASP C 141 -39.62 21.77 -19.15
N PHE C 142 -38.45 22.40 -19.28
CA PHE C 142 -37.80 22.56 -20.57
C PHE C 142 -37.06 21.25 -20.94
N ASP C 143 -36.94 20.96 -22.24
CA ASP C 143 -36.23 19.75 -22.67
C ASP C 143 -34.75 19.83 -22.32
N SER C 144 -34.07 18.68 -22.28
CA SER C 144 -32.67 18.63 -21.88
C SER C 144 -31.69 19.27 -22.87
N GLN C 145 -32.11 19.56 -24.10
CA GLN C 145 -31.24 20.25 -25.05
C GLN C 145 -30.96 21.68 -24.57
N THR C 146 -31.95 22.32 -23.91
CA THR C 146 -31.87 23.67 -23.37
C THR C 146 -30.70 23.85 -22.41
N ASN C 147 -29.89 24.88 -22.65
CA ASN C 147 -28.74 25.23 -21.83
C ASN C 147 -29.08 26.49 -21.03
N VAL C 148 -28.71 26.52 -19.75
CA VAL C 148 -28.97 27.67 -18.89
C VAL C 148 -27.67 28.44 -18.70
N SER C 149 -27.68 29.73 -19.01
CA SER C 149 -26.50 30.58 -18.87
C SER C 149 -26.58 31.46 -17.63
N GLN C 150 -25.42 31.84 -17.09
CA GLN C 150 -25.36 32.70 -15.92
C GLN C 150 -25.77 34.13 -16.29
N SER C 151 -26.33 34.87 -15.32
CA SER C 151 -26.79 36.23 -15.57
C SER C 151 -25.66 37.18 -15.90
N LYS C 152 -25.96 38.20 -16.72
CA LYS C 152 -24.98 39.24 -17.06
C LYS C 152 -24.89 40.22 -15.89
N ASP C 153 -26.05 40.58 -15.29
CA ASP C 153 -26.15 41.50 -14.14
C ASP C 153 -25.59 40.88 -12.86
N SER C 154 -24.76 41.65 -12.12
CA SER C 154 -24.14 41.21 -10.87
C SER C 154 -25.12 41.02 -9.69
N ASP C 155 -26.28 41.67 -9.74
CA ASP C 155 -27.27 41.55 -8.66
C ASP C 155 -28.38 40.51 -8.94
N VAL C 156 -28.20 39.68 -9.98
CA VAL C 156 -29.14 38.62 -10.33
C VAL C 156 -28.37 37.29 -10.26
N TYR C 157 -28.92 36.31 -9.54
CA TYR C 157 -28.25 35.02 -9.34
C TYR C 157 -28.99 33.91 -10.02
N ILE C 158 -28.31 33.19 -10.92
CA ILE C 158 -28.93 32.08 -11.64
C ILE C 158 -28.15 30.80 -11.38
N THR C 159 -28.88 29.73 -11.05
CA THR C 159 -28.27 28.43 -10.85
C THR C 159 -28.30 27.64 -12.15
N ASP C 160 -27.44 26.62 -12.27
CA ASP C 160 -27.43 25.76 -13.44
C ASP C 160 -28.66 24.82 -13.40
N LYS C 161 -29.00 24.18 -14.53
CA LYS C 161 -30.15 23.28 -14.56
C LYS C 161 -29.99 22.11 -13.59
N CYS C 162 -31.10 21.56 -13.15
CA CYS C 162 -31.11 20.52 -12.14
C CYS C 162 -32.22 19.53 -12.45
N VAL C 163 -31.98 18.24 -12.25
CA VAL C 163 -32.96 17.20 -12.57
C VAL C 163 -33.62 16.61 -11.32
N LEU C 164 -34.97 16.61 -11.26
CA LEU C 164 -35.70 15.96 -10.16
C LEU C 164 -36.48 14.77 -10.66
N ASP C 165 -36.66 13.78 -9.80
CA ASP C 165 -37.31 12.54 -10.21
C ASP C 165 -38.46 12.19 -9.30
N MET C 166 -39.69 12.31 -9.82
CA MET C 166 -40.87 11.95 -9.06
C MET C 166 -41.13 10.48 -9.36
N ARG C 167 -40.27 9.61 -8.82
CA ARG C 167 -40.24 8.16 -9.00
C ARG C 167 -41.61 7.48 -8.96
N SER C 168 -42.46 7.88 -7.99
CA SER C 168 -43.83 7.38 -7.80
C SER C 168 -44.66 7.45 -9.08
N MET C 169 -44.48 8.54 -9.85
CA MET C 169 -45.25 8.80 -11.06
C MET C 169 -44.47 8.60 -12.37
N ASP C 170 -43.21 8.11 -12.31
CA ASP C 170 -42.31 7.93 -13.46
C ASP C 170 -42.18 9.26 -14.23
N PHE C 171 -41.99 10.35 -13.49
CA PHE C 171 -41.89 11.67 -14.10
C PHE C 171 -40.59 12.33 -13.72
N LYS C 172 -39.91 12.94 -14.69
CA LYS C 172 -38.67 13.66 -14.40
C LYS C 172 -38.78 15.08 -14.98
N SER C 173 -38.13 16.06 -14.33
CA SER C 173 -38.18 17.43 -14.83
C SER C 173 -36.93 18.23 -14.59
N ASN C 174 -36.56 19.05 -15.56
CA ASN C 174 -35.42 19.96 -15.44
C ASN C 174 -35.90 21.28 -14.84
N SER C 175 -34.98 22.01 -14.18
CA SER C 175 -35.30 23.32 -13.66
C SER C 175 -34.07 24.13 -13.26
N ALA C 176 -34.20 25.44 -13.33
CA ALA C 176 -33.16 26.35 -12.90
C ALA C 176 -33.83 27.49 -12.11
N VAL C 177 -33.09 28.10 -11.18
CA VAL C 177 -33.63 29.14 -10.30
C VAL C 177 -32.92 30.48 -10.50
N ALA C 178 -33.68 31.56 -10.60
CA ALA C 178 -33.13 32.91 -10.69
C ALA C 178 -33.68 33.74 -9.53
N TRP C 179 -32.84 34.57 -8.88
CA TRP C 179 -33.31 35.41 -7.79
C TRP C 179 -32.52 36.71 -7.70
N SER C 180 -33.19 37.79 -7.26
CA SER C 180 -32.53 39.09 -7.14
C SER C 180 -33.19 39.96 -6.04
N ASN C 181 -32.46 40.99 -5.59
CA ASN C 181 -32.91 41.98 -4.60
C ASN C 181 -33.60 43.16 -5.31
N LYS C 182 -33.00 43.60 -6.45
CA LYS C 182 -33.43 44.71 -7.29
C LYS C 182 -34.91 44.68 -7.65
N SER C 183 -35.57 45.85 -7.54
CA SER C 183 -36.99 46.04 -7.84
C SER C 183 -37.33 45.80 -9.32
N ASP C 184 -36.38 46.13 -10.22
CA ASP C 184 -36.57 45.97 -11.65
C ASP C 184 -36.50 44.51 -12.15
N PHE C 185 -36.07 43.57 -11.28
CA PHE C 185 -36.00 42.16 -11.65
C PHE C 185 -37.39 41.57 -11.91
N ALA C 186 -37.56 40.92 -13.07
CA ALA C 186 -38.83 40.31 -13.44
C ALA C 186 -38.61 38.96 -14.12
N CYS C 187 -39.59 38.03 -13.98
CA CYS C 187 -39.53 36.69 -14.59
C CYS C 187 -39.26 36.77 -16.10
N ALA C 188 -39.95 37.72 -16.77
CA ALA C 188 -39.88 37.96 -18.21
C ALA C 188 -38.46 38.18 -18.77
N ASN C 189 -37.61 38.92 -18.04
CA ASN C 189 -36.25 39.18 -18.49
C ASN C 189 -35.16 38.55 -17.62
N ALA C 190 -35.52 37.60 -16.75
CA ALA C 190 -34.57 36.95 -15.84
C ALA C 190 -33.53 36.08 -16.56
N PHE C 191 -33.97 35.23 -17.49
CA PHE C 191 -33.11 34.30 -18.22
C PHE C 191 -32.80 34.83 -19.64
N ASN C 192 -32.60 36.15 -19.76
CA ASN C 192 -32.34 36.80 -21.05
C ASN C 192 -31.03 36.38 -21.69
N ASN C 193 -30.01 36.08 -20.87
CA ASN C 193 -28.73 35.63 -21.41
C ASN C 193 -28.71 34.14 -21.80
N SER C 194 -29.84 33.45 -21.69
CA SER C 194 -29.96 32.04 -22.02
C SER C 194 -30.88 31.87 -23.20
N ILE C 195 -30.55 30.93 -24.09
CA ILE C 195 -31.42 30.65 -25.23
C ILE C 195 -32.53 29.74 -24.73
N ILE C 196 -33.71 30.34 -24.46
CA ILE C 196 -34.84 29.57 -23.96
C ILE C 196 -35.81 29.23 -25.08
N PRO C 197 -36.62 28.16 -24.94
CA PRO C 197 -37.57 27.81 -26.03
C PRO C 197 -38.49 28.94 -26.50
N GLU C 198 -39.07 28.78 -27.70
CA GLU C 198 -39.95 29.80 -28.25
C GLU C 198 -41.32 29.78 -27.55
N ASP C 199 -41.83 28.58 -27.29
CA ASP C 199 -43.13 28.38 -26.66
C ASP C 199 -43.07 28.45 -25.13
N THR C 200 -42.11 29.22 -24.57
CA THR C 200 -42.01 29.32 -23.11
C THR C 200 -43.21 30.05 -22.54
N PHE C 201 -43.98 29.36 -21.71
CA PHE C 201 -45.18 29.87 -21.08
C PHE C 201 -44.82 30.85 -19.97
N PHE C 202 -45.25 32.11 -20.11
CA PHE C 202 -44.96 33.13 -19.11
C PHE C 202 -46.28 33.60 -18.50
N PRO C 203 -46.70 33.02 -17.38
CA PRO C 203 -47.95 33.48 -16.75
C PRO C 203 -47.83 34.87 -16.13
N GLY D 1 -16.84 0.37 8.24
CA GLY D 1 -15.95 1.01 7.30
C GLY D 1 -14.87 1.85 7.96
N VAL D 2 -14.04 2.47 7.16
CA VAL D 2 -12.98 3.37 7.63
C VAL D 2 -13.65 4.65 8.15
N THR D 3 -13.23 5.16 9.34
CA THR D 3 -13.83 6.39 9.85
C THR D 3 -12.77 7.47 9.98
N GLN D 4 -13.07 8.66 9.50
CA GLN D 4 -12.14 9.78 9.58
C GLN D 4 -12.77 10.89 10.40
N THR D 5 -11.96 11.57 11.20
CA THR D 5 -12.43 12.69 11.98
C THR D 5 -11.36 13.79 11.95
N PRO D 6 -11.78 15.07 12.01
CA PRO D 6 -13.17 15.55 11.93
C PRO D 6 -13.72 15.46 10.48
N ARG D 7 -15.03 15.53 10.29
CA ARG D 7 -15.59 15.51 8.94
C ARG D 7 -15.33 16.86 8.22
N TYR D 8 -15.38 17.96 8.99
CA TYR D 8 -15.18 19.34 8.50
C TYR D 8 -14.29 20.11 9.46
N LEU D 9 -13.43 20.96 8.92
CA LEU D 9 -12.52 21.74 9.72
C LEU D 9 -12.30 23.08 9.06
N ILE D 10 -12.23 24.13 9.86
CA ILE D 10 -11.89 25.48 9.44
C ILE D 10 -10.67 25.84 10.26
N LYS D 11 -9.59 26.20 9.59
CA LYS D 11 -8.38 26.61 10.26
C LYS D 11 -7.87 27.91 9.63
N THR D 12 -7.07 28.65 10.37
CA THR D 12 -6.50 29.90 9.89
C THR D 12 -5.07 29.69 9.35
N ARG D 13 -4.68 30.48 8.34
CA ARG D 13 -3.36 30.52 7.72
C ARG D 13 -2.24 30.52 8.78
N GLY D 14 -1.24 29.68 8.58
CA GLY D 14 -0.12 29.59 9.50
C GLY D 14 -0.29 28.61 10.63
N GLN D 15 -1.55 28.21 10.98
CA GLN D 15 -1.70 27.25 12.08
C GLN D 15 -1.58 25.77 11.57
N GLN D 16 -1.79 24.80 12.48
CA GLN D 16 -1.60 23.38 12.27
C GLN D 16 -2.89 22.60 12.40
N VAL D 17 -3.01 21.47 11.70
CA VAL D 17 -4.16 20.55 11.84
C VAL D 17 -3.68 19.13 12.04
N THR D 18 -4.44 18.30 12.78
CA THR D 18 -4.11 16.87 12.84
C THR D 18 -5.43 16.13 12.55
N LEU D 19 -5.35 15.25 11.56
CA LEU D 19 -6.49 14.50 11.06
C LEU D 19 -6.34 13.05 11.48
N SER D 20 -7.44 12.38 11.77
CA SER D 20 -7.37 11.00 12.24
CA SER D 20 -7.39 11.01 12.27
C SER D 20 -8.11 10.07 11.31
N CYS D 21 -7.61 8.85 11.20
CA CYS D 21 -8.19 7.80 10.38
C CYS D 21 -8.23 6.47 11.13
N SER D 22 -9.41 5.88 11.36
CA SER D 22 -9.47 4.55 11.98
C SER D 22 -9.79 3.57 10.88
N PRO D 23 -8.84 2.73 10.49
CA PRO D 23 -9.12 1.77 9.41
C PRO D 23 -10.15 0.75 9.85
N ILE D 24 -10.60 -0.09 8.89
CA ILE D 24 -11.49 -1.21 9.20
C ILE D 24 -10.74 -2.13 10.19
N SER D 25 -11.43 -2.66 11.23
CA SER D 25 -10.79 -3.53 12.22
CA SER D 25 -10.80 -3.52 12.21
C SER D 25 -10.06 -4.68 11.56
N GLY D 26 -8.78 -4.81 11.88
CA GLY D 26 -7.92 -5.84 11.30
C GLY D 26 -7.06 -5.33 10.13
N HIS D 27 -7.43 -4.17 9.55
CA HIS D 27 -6.63 -3.62 8.43
C HIS D 27 -5.33 -3.05 8.99
N ARG D 28 -4.22 -3.23 8.29
CA ARG D 28 -2.93 -2.85 8.82
C ARG D 28 -2.25 -1.72 8.11
N SER D 29 -2.57 -1.50 6.81
CA SER D 29 -1.92 -0.42 6.08
C SER D 29 -2.90 0.74 5.89
N VAL D 30 -2.40 1.99 5.94
CA VAL D 30 -3.27 3.16 5.72
C VAL D 30 -2.52 4.11 4.80
N SER D 31 -3.21 4.63 3.77
CA SER D 31 -2.60 5.65 2.90
C SER D 31 -3.41 6.90 3.01
N TRP D 32 -2.75 8.07 2.87
CA TRP D 32 -3.45 9.33 2.91
C TRP D 32 -3.30 10.01 1.53
N TYR D 33 -4.33 10.78 1.13
CA TYR D 33 -4.43 11.48 -0.15
C TYR D 33 -4.99 12.86 0.06
N GLN D 34 -4.62 13.78 -0.82
CA GLN D 34 -5.18 15.12 -0.80
C GLN D 34 -5.88 15.28 -2.12
N GLN D 35 -7.14 15.73 -2.08
CA GLN D 35 -7.87 15.99 -3.29
C GLN D 35 -8.22 17.45 -3.37
N THR D 36 -7.74 18.11 -4.41
CA THR D 36 -8.06 19.49 -4.74
C THR D 36 -8.69 19.46 -6.14
N PRO D 37 -9.63 20.38 -6.41
CA PRO D 37 -10.25 20.40 -7.75
C PRO D 37 -9.25 20.45 -8.92
N GLY D 38 -8.21 21.28 -8.78
CA GLY D 38 -7.19 21.48 -9.81
C GLY D 38 -6.01 20.54 -9.87
N GLN D 39 -5.78 19.70 -8.84
CA GLN D 39 -4.67 18.73 -8.88
C GLN D 39 -5.10 17.25 -8.74
N GLY D 40 -6.42 17.00 -8.66
CA GLY D 40 -6.95 15.65 -8.48
C GLY D 40 -6.51 15.03 -7.15
N LEU D 41 -6.62 13.70 -7.05
CA LEU D 41 -6.20 12.93 -5.89
C LEU D 41 -4.68 12.68 -5.94
N GLN D 42 -3.96 13.19 -4.94
CA GLN D 42 -2.52 13.09 -4.85
C GLN D 42 -2.13 12.31 -3.61
N PHE D 43 -1.22 11.34 -3.75
CA PHE D 43 -0.76 10.52 -2.65
C PHE D 43 0.17 11.26 -1.68
N LEU D 44 -0.10 11.12 -0.38
CA LEU D 44 0.78 11.68 0.64
C LEU D 44 1.78 10.65 1.15
N PHE D 45 1.30 9.53 1.74
CA PHE D 45 2.20 8.53 2.34
C PHE D 45 1.37 7.31 2.73
N GLU D 46 2.05 6.17 2.87
CA GLU D 46 1.48 4.88 3.30
C GLU D 46 2.16 4.50 4.62
N TYR D 47 1.36 4.13 5.64
CA TYR D 47 1.88 3.64 6.92
C TYR D 47 1.56 2.16 7.08
N PHE D 48 2.56 1.37 7.52
CA PHE D 48 2.36 -0.03 7.85
C PHE D 48 3.25 -0.33 9.04
N SER D 49 2.71 -0.98 10.09
CA SER D 49 3.46 -1.30 11.31
C SER D 49 4.19 -0.06 11.88
N GLU D 50 3.42 1.05 12.04
CA GLU D 50 3.84 2.36 12.57
C GLU D 50 4.87 3.07 11.74
N THR D 51 5.15 2.60 10.50
CA THR D 51 6.23 3.12 9.69
C THR D 51 5.80 3.77 8.41
N GLN D 52 6.40 4.92 8.06
CA GLN D 52 6.09 5.55 6.79
C GLN D 52 6.86 4.75 5.76
N ARG D 53 6.18 3.76 5.15
CA ARG D 53 6.84 2.85 4.25
C ARG D 53 6.98 3.39 2.83
N ASN D 54 6.04 4.23 2.40
CA ASN D 54 6.01 4.85 1.09
C ASN D 54 5.62 6.30 1.27
N LYS D 55 6.22 7.19 0.49
CA LYS D 55 6.00 8.63 0.61
C LYS D 55 5.86 9.26 -0.76
N GLY D 56 4.95 10.20 -0.87
CA GLY D 56 4.72 10.92 -2.10
C GLY D 56 5.64 12.12 -2.21
N ASN D 57 5.16 13.18 -2.84
CA ASN D 57 6.01 14.34 -3.15
C ASN D 57 5.64 15.62 -2.43
N PHE D 58 4.94 15.54 -1.29
CA PHE D 58 4.58 16.74 -0.55
C PHE D 58 5.73 17.15 0.35
N PRO D 59 5.88 18.46 0.65
CA PRO D 59 6.98 18.88 1.53
C PRO D 59 6.85 18.38 2.97
N GLY D 60 7.93 18.55 3.73
CA GLY D 60 8.07 18.18 5.13
C GLY D 60 6.97 18.62 6.06
N ARG D 61 6.28 19.74 5.76
CA ARG D 61 5.19 20.19 6.63
C ARG D 61 3.94 19.27 6.58
N PHE D 62 3.90 18.32 5.61
CA PHE D 62 2.86 17.29 5.52
C PHE D 62 3.48 16.07 6.15
N SER D 63 3.08 15.72 7.37
CA SER D 63 3.69 14.60 8.06
C SER D 63 2.60 13.63 8.58
N GLY D 64 3.02 12.48 9.10
CA GLY D 64 2.04 11.52 9.63
C GLY D 64 2.58 10.56 10.64
N ARG D 65 1.73 9.62 11.07
CA ARG D 65 2.08 8.61 12.04
CA ARG D 65 2.10 8.59 12.01
C ARG D 65 1.02 7.52 12.06
N GLN D 66 1.35 6.36 12.58
CA GLN D 66 0.42 5.28 12.74
C GLN D 66 0.74 4.59 14.07
N PHE D 67 -0.28 4.29 14.83
CA PHE D 67 -0.16 3.69 16.16
C PHE D 67 -0.20 2.17 16.11
N SER D 68 0.14 1.51 17.23
CA SER D 68 0.12 0.07 17.27
C SER D 68 -1.25 -0.54 16.96
N ASN D 69 -2.37 0.19 17.14
CA ASN D 69 -3.68 -0.37 16.81
C ASN D 69 -4.03 -0.09 15.33
N SER D 70 -3.08 0.41 14.52
CA SER D 70 -3.19 0.73 13.10
C SER D 70 -3.89 2.05 12.82
N ARG D 71 -4.43 2.75 13.84
CA ARG D 71 -5.03 4.08 13.62
C ARG D 71 -3.91 5.02 13.12
N SER D 72 -4.21 5.90 12.18
CA SER D 72 -3.21 6.78 11.61
C SER D 72 -3.62 8.21 11.78
N GLU D 73 -2.63 9.11 11.85
CA GLU D 73 -2.92 10.53 11.84
C GLU D 73 -2.03 11.17 10.80
N MET D 74 -2.49 12.28 10.23
CA MET D 74 -1.66 13.10 9.37
C MET D 74 -1.72 14.54 9.92
N ASN D 75 -0.67 15.31 9.69
CA ASN D 75 -0.61 16.68 10.20
CA ASN D 75 -0.62 16.69 10.18
C ASN D 75 -0.10 17.62 9.11
N VAL D 76 -0.68 18.82 9.02
CA VAL D 76 -0.20 19.83 8.07
C VAL D 76 0.23 21.04 8.93
N SER D 77 1.52 21.43 8.86
CA SER D 77 2.14 22.58 9.52
C SER D 77 2.05 23.81 8.63
N THR D 78 1.99 25.01 9.23
CA THR D 78 1.96 26.32 8.55
C THR D 78 1.00 26.32 7.37
N LEU D 79 -0.27 26.18 7.66
CA LEU D 79 -1.29 26.11 6.64
C LEU D 79 -1.33 27.28 5.69
N GLU D 80 -1.38 26.96 4.41
CA GLU D 80 -1.54 27.95 3.36
C GLU D 80 -2.98 27.87 2.87
N LEU D 81 -3.47 28.93 2.20
CA LEU D 81 -4.82 28.90 1.63
C LEU D 81 -4.96 27.76 0.60
N GLY D 82 -3.87 27.44 -0.10
CA GLY D 82 -3.82 26.36 -1.07
C GLY D 82 -4.00 24.97 -0.47
N ASP D 83 -3.87 24.85 0.85
CA ASP D 83 -4.02 23.59 1.57
C ASP D 83 -5.45 23.14 1.79
N SER D 84 -6.46 24.02 1.48
CA SER D 84 -7.90 23.72 1.57
C SER D 84 -8.18 22.62 0.61
N ALA D 85 -8.67 21.47 1.10
CA ALA D 85 -8.85 20.29 0.27
C ALA D 85 -9.67 19.21 1.04
N LEU D 86 -10.06 18.12 0.36
CA LEU D 86 -10.64 16.97 1.01
C LEU D 86 -9.46 16.00 1.27
N TYR D 87 -9.16 15.67 2.55
CA TYR D 87 -8.06 14.75 2.87
C TYR D 87 -8.66 13.37 3.10
N LEU D 88 -8.31 12.41 2.24
CA LEU D 88 -8.86 11.06 2.30
C LEU D 88 -7.87 10.04 2.81
N CYS D 89 -8.34 9.05 3.58
CA CYS D 89 -7.47 7.93 3.96
C CYS D 89 -8.15 6.67 3.44
N ALA D 90 -7.34 5.66 3.17
CA ALA D 90 -7.83 4.38 2.73
C ALA D 90 -7.02 3.32 3.43
N SER D 91 -7.69 2.21 3.77
CA SER D 91 -7.00 1.13 4.41
C SER D 91 -7.12 -0.15 3.58
N SER D 92 -6.26 -1.10 3.88
CA SER D 92 -6.26 -2.40 3.23
C SER D 92 -5.46 -3.37 4.10
N VAL D 93 -5.53 -4.66 3.77
CA VAL D 93 -4.81 -5.70 4.47
C VAL D 93 -4.55 -6.83 3.47
N GLY D 94 -3.45 -7.56 3.63
CA GLY D 94 -3.12 -8.69 2.77
C GLY D 94 -3.20 -8.38 1.29
N GLY D 95 -4.04 -9.13 0.56
CA GLY D 95 -4.26 -8.91 -0.86
C GLY D 95 -5.58 -8.21 -1.18
N THR D 96 -6.16 -7.46 -0.23
CA THR D 96 -7.43 -6.76 -0.49
C THR D 96 -7.23 -5.44 -1.31
N GLU D 97 -8.35 -4.88 -1.77
CA GLU D 97 -8.41 -3.62 -2.47
C GLU D 97 -8.42 -2.52 -1.39
N ALA D 98 -8.53 -1.27 -1.82
CA ALA D 98 -8.55 -0.11 -0.96
C ALA D 98 -9.96 0.14 -0.48
N PHE D 99 -10.11 0.53 0.82
CA PHE D 99 -11.37 0.94 1.43
C PHE D 99 -11.14 2.35 1.91
N PHE D 100 -11.95 3.30 1.44
CA PHE D 100 -11.76 4.70 1.77
C PHE D 100 -12.71 5.20 2.83
N GLY D 101 -12.23 6.16 3.63
CA GLY D 101 -13.06 6.87 4.58
C GLY D 101 -13.82 7.97 3.85
N GLN D 102 -14.62 8.74 4.58
CA GLN D 102 -15.41 9.83 3.97
C GLN D 102 -14.67 11.17 3.92
N GLY D 103 -13.44 11.22 4.41
CA GLY D 103 -12.60 12.40 4.29
C GLY D 103 -12.78 13.45 5.34
N THR D 104 -11.82 14.33 5.41
CA THR D 104 -11.91 15.52 6.25
C THR D 104 -11.94 16.66 5.23
N ARG D 105 -13.00 17.47 5.23
CA ARG D 105 -13.07 18.63 4.37
C ARG D 105 -12.45 19.81 5.15
N LEU D 106 -11.23 20.23 4.78
CA LEU D 106 -10.50 21.30 5.43
C LEU D 106 -10.59 22.58 4.62
N THR D 107 -10.91 23.70 5.29
CA THR D 107 -10.86 25.00 4.64
C THR D 107 -9.98 25.91 5.47
N VAL D 108 -8.91 26.39 4.86
CA VAL D 108 -7.96 27.31 5.45
C VAL D 108 -8.43 28.69 5.03
N VAL D 109 -8.74 29.56 6.01
CA VAL D 109 -9.31 30.89 5.75
C VAL D 109 -8.35 32.03 6.09
N GLU D 110 -8.61 33.22 5.50
CA GLU D 110 -7.78 34.39 5.79
C GLU D 110 -8.06 34.85 7.24
N ASP D 111 -9.34 34.77 7.69
CA ASP D 111 -9.71 35.10 9.07
C ASP D 111 -11.02 34.45 9.47
N LEU D 112 -11.17 34.11 10.75
CA LEU D 112 -12.42 33.54 11.27
C LEU D 112 -13.63 34.46 11.07
N LYS D 113 -13.40 35.78 10.89
CA LYS D 113 -14.47 36.73 10.62
C LYS D 113 -15.10 36.53 9.22
N ASN D 114 -14.43 35.78 8.33
CA ASN D 114 -15.02 35.44 7.02
C ASN D 114 -16.10 34.35 7.19
N VAL D 115 -16.09 33.60 8.30
CA VAL D 115 -17.05 32.51 8.54
C VAL D 115 -18.45 33.03 8.84
N PHE D 116 -19.43 32.61 8.05
CA PHE D 116 -20.83 33.00 8.20
C PHE D 116 -21.77 31.81 8.04
N PRO D 117 -22.80 31.70 8.90
CA PRO D 117 -23.81 30.66 8.70
C PRO D 117 -24.75 31.02 7.55
N PRO D 118 -25.53 30.07 7.03
CA PRO D 118 -26.47 30.41 5.96
C PRO D 118 -27.78 31.02 6.52
N GLU D 119 -28.55 31.61 5.62
CA GLU D 119 -29.89 32.10 5.88
C GLU D 119 -30.74 31.21 4.99
N VAL D 120 -31.82 30.64 5.51
CA VAL D 120 -32.64 29.72 4.73
C VAL D 120 -34.04 30.24 4.53
N ALA D 121 -34.57 30.11 3.29
CA ALA D 121 -35.93 30.54 3.01
C ALA D 121 -36.61 29.60 2.05
N VAL D 122 -37.85 29.22 2.37
CA VAL D 122 -38.66 28.38 1.49
C VAL D 122 -39.62 29.32 0.73
N PHE D 123 -39.84 29.03 -0.55
CA PHE D 123 -40.72 29.78 -1.42
C PHE D 123 -41.75 28.78 -1.92
N GLU D 124 -43.03 29.10 -1.69
CA GLU D 124 -44.17 28.25 -2.01
C GLU D 124 -44.48 28.16 -3.49
N PRO D 125 -45.12 27.06 -3.92
CA PRO D 125 -45.45 26.91 -5.35
C PRO D 125 -46.35 27.99 -5.94
N SER D 126 -46.08 28.32 -7.19
CA SER D 126 -46.85 29.28 -7.97
C SER D 126 -48.21 28.67 -8.23
N GLU D 127 -49.29 29.46 -8.11
CA GLU D 127 -50.62 28.97 -8.45
C GLU D 127 -50.73 28.73 -9.95
N ALA D 128 -49.99 29.49 -10.77
CA ALA D 128 -49.94 29.30 -12.22
C ALA D 128 -49.36 27.92 -12.53
N GLU D 129 -48.31 27.50 -11.78
CA GLU D 129 -47.72 26.18 -11.96
C GLU D 129 -48.71 25.08 -11.63
N ILE D 130 -49.40 25.22 -10.48
CA ILE D 130 -50.39 24.27 -10.00
C ILE D 130 -51.55 24.10 -11.00
N SER D 131 -51.92 25.18 -11.69
CA SER D 131 -53.02 25.14 -12.65
CA SER D 131 -53.02 25.15 -12.65
C SER D 131 -52.58 24.59 -14.00
N HIS D 132 -51.35 24.92 -14.42
CA HIS D 132 -50.82 24.49 -15.70
C HIS D 132 -50.34 23.05 -15.73
N THR D 133 -49.67 22.60 -14.66
CA THR D 133 -49.05 21.28 -14.64
C THR D 133 -49.69 20.26 -13.70
N GLN D 134 -50.53 20.73 -12.77
CA GLN D 134 -51.10 19.91 -11.68
C GLN D 134 -49.98 19.41 -10.75
N LYS D 135 -48.88 20.19 -10.63
CA LYS D 135 -47.71 19.91 -9.81
C LYS D 135 -47.31 21.19 -9.07
N ALA D 136 -46.62 21.04 -7.94
CA ALA D 136 -46.23 22.15 -7.11
C ALA D 136 -44.76 22.02 -6.73
N THR D 137 -43.96 23.05 -7.01
CA THR D 137 -42.53 23.03 -6.72
C THR D 137 -42.16 24.05 -5.69
N LEU D 138 -41.59 23.58 -4.59
CA LEU D 138 -41.12 24.42 -3.51
C LEU D 138 -39.63 24.69 -3.75
N VAL D 139 -39.19 25.92 -3.50
CA VAL D 139 -37.79 26.27 -3.68
C VAL D 139 -37.21 26.67 -2.34
N CYS D 140 -36.04 26.17 -2.02
CA CYS D 140 -35.36 26.54 -0.80
C CYS D 140 -34.08 27.24 -1.19
N LEU D 141 -33.73 28.33 -0.50
CA LEU D 141 -32.50 29.06 -0.78
C LEU D 141 -31.66 29.21 0.48
N ALA D 142 -30.42 28.71 0.47
CA ALA D 142 -29.49 28.92 1.58
C ALA D 142 -28.53 29.97 1.06
N THR D 143 -28.38 31.12 1.74
CA THR D 143 -27.56 32.21 1.22
C THR D 143 -26.62 32.78 2.28
N GLY D 144 -25.55 33.43 1.83
CA GLY D 144 -24.59 34.09 2.72
C GLY D 144 -23.67 33.20 3.54
N PHE D 145 -23.54 31.91 3.19
CA PHE D 145 -22.70 31.02 3.98
C PHE D 145 -21.24 30.97 3.52
N TYR D 146 -20.34 30.77 4.46
CA TYR D 146 -18.93 30.63 4.17
C TYR D 146 -18.26 29.98 5.37
N PRO D 147 -17.45 28.92 5.16
CA PRO D 147 -17.12 28.28 3.88
C PRO D 147 -18.24 27.36 3.38
N ASP D 148 -18.03 26.69 2.25
CA ASP D 148 -19.02 25.80 1.68
C ASP D 148 -19.04 24.47 2.47
N HIS D 149 -19.37 24.53 3.77
CA HIS D 149 -19.46 23.37 4.65
C HIS D 149 -20.93 23.19 5.03
N VAL D 150 -21.78 22.85 4.06
CA VAL D 150 -23.20 22.69 4.32
C VAL D 150 -23.78 21.39 3.77
N GLU D 151 -24.87 20.93 4.39
CA GLU D 151 -25.62 19.77 3.98
C GLU D 151 -27.10 20.18 4.01
N LEU D 152 -27.73 20.25 2.84
CA LEU D 152 -29.13 20.62 2.73
C LEU D 152 -29.99 19.38 2.55
N SER D 153 -31.09 19.30 3.29
CA SER D 153 -32.03 18.20 3.20
C SER D 153 -33.48 18.68 3.26
N TRP D 154 -34.40 17.91 2.68
CA TRP D 154 -35.82 18.22 2.70
C TRP D 154 -36.51 17.22 3.62
N TRP D 155 -37.48 17.68 4.41
CA TRP D 155 -38.20 16.84 5.35
C TRP D 155 -39.70 17.05 5.18
N VAL D 156 -40.42 15.98 4.83
CA VAL D 156 -41.86 16.06 4.66
C VAL D 156 -42.56 15.20 5.72
N ASN D 157 -43.22 15.88 6.67
CA ASN D 157 -43.92 15.25 7.80
C ASN D 157 -42.98 14.55 8.75
N GLY D 158 -41.82 15.15 8.99
CA GLY D 158 -40.81 14.66 9.91
C GLY D 158 -39.86 13.62 9.35
N LYS D 159 -40.01 13.25 8.07
CA LYS D 159 -39.16 12.22 7.44
C LYS D 159 -38.29 12.82 6.35
N GLU D 160 -36.98 12.48 6.30
CA GLU D 160 -36.11 13.01 5.24
C GLU D 160 -36.58 12.43 3.91
N VAL D 161 -36.73 13.27 2.89
CA VAL D 161 -37.23 12.84 1.59
CA VAL D 161 -37.24 12.86 1.59
C VAL D 161 -36.20 13.06 0.46
N HIS D 162 -36.22 12.19 -0.58
CA HIS D 162 -35.31 12.25 -1.72
C HIS D 162 -36.03 12.24 -3.06
N SER D 163 -37.18 11.57 -3.16
CA SER D 163 -37.96 11.58 -4.39
C SER D 163 -38.52 13.01 -4.62
N GLY D 164 -38.48 13.47 -5.85
CA GLY D 164 -38.92 14.81 -6.21
C GLY D 164 -37.97 15.93 -5.80
N VAL D 165 -36.77 15.59 -5.29
CA VAL D 165 -35.78 16.57 -4.82
C VAL D 165 -34.59 16.72 -5.77
N CYS D 166 -34.03 17.93 -5.82
CA CYS D 166 -32.80 18.20 -6.53
C CYS D 166 -32.14 19.48 -5.99
N THR D 167 -30.91 19.35 -5.51
CA THR D 167 -30.14 20.46 -4.96
C THR D 167 -28.98 20.74 -5.92
N ASP D 168 -28.47 21.98 -5.99
CA ASP D 168 -27.34 22.29 -6.87
C ASP D 168 -26.10 21.51 -6.46
N PRO D 169 -25.41 20.90 -7.42
CA PRO D 169 -24.19 20.15 -7.10
C PRO D 169 -23.10 21.07 -6.56
N GLN D 170 -22.96 22.26 -7.15
CA GLN D 170 -22.00 23.25 -6.67
C GLN D 170 -22.76 24.56 -6.38
N PRO D 171 -22.36 25.29 -5.32
CA PRO D 171 -23.05 26.55 -5.01
C PRO D 171 -22.57 27.72 -5.85
N LEU D 172 -23.32 28.83 -5.80
CA LEU D 172 -23.03 30.08 -6.49
C LEU D 172 -22.16 30.97 -5.60
N LYS D 173 -21.21 31.69 -6.20
CA LYS D 173 -20.41 32.67 -5.46
C LYS D 173 -21.26 33.95 -5.46
N GLU D 174 -21.53 34.52 -4.28
CA GLU D 174 -22.32 35.75 -4.19
C GLU D 174 -21.58 36.98 -4.74
N GLN D 175 -20.24 36.91 -4.76
CA GLN D 175 -19.33 37.92 -5.31
C GLN D 175 -18.15 37.19 -5.95
N PRO D 176 -18.30 36.69 -7.20
CA PRO D 176 -17.18 35.97 -7.84
C PRO D 176 -15.85 36.72 -7.91
N ALA D 177 -15.88 38.06 -7.74
CA ALA D 177 -14.72 38.93 -7.71
C ALA D 177 -14.06 38.97 -6.31
N LEU D 178 -14.21 37.90 -5.51
CA LEU D 178 -13.62 37.82 -4.18
C LEU D 178 -13.26 36.36 -3.82
N ASN D 179 -12.16 36.17 -3.09
CA ASN D 179 -11.75 34.83 -2.69
C ASN D 179 -12.60 34.38 -1.49
N ASP D 180 -12.75 35.26 -0.49
CA ASP D 180 -13.54 34.97 0.72
C ASP D 180 -15.06 35.08 0.51
N SER D 181 -15.52 35.26 -0.75
CA SER D 181 -16.92 35.40 -1.14
C SER D 181 -17.84 34.37 -0.51
N ARG D 182 -18.98 34.85 -0.01
CA ARG D 182 -19.98 33.98 0.55
C ARG D 182 -20.72 33.22 -0.56
N TYR D 183 -21.40 32.13 -0.20
CA TYR D 183 -22.02 31.24 -1.16
C TYR D 183 -23.55 31.21 -1.10
N ALA D 184 -24.17 30.63 -2.13
CA ALA D 184 -25.61 30.46 -2.16
C ALA D 184 -25.93 29.09 -2.76
N LEU D 185 -26.89 28.40 -2.18
CA LEU D 185 -27.29 27.08 -2.66
C LEU D 185 -28.80 27.05 -2.83
N SER D 186 -29.28 26.44 -3.91
CA SER D 186 -30.71 26.32 -4.12
C SER D 186 -31.09 24.85 -4.16
N SER D 187 -32.33 24.55 -3.82
CA SER D 187 -32.84 23.19 -3.87
C SER D 187 -34.32 23.22 -4.14
N ARG D 188 -34.84 22.20 -4.84
CA ARG D 188 -36.27 22.17 -5.15
C ARG D 188 -36.92 20.88 -4.71
N LEU D 189 -38.20 20.95 -4.38
CA LEU D 189 -38.98 19.79 -4.02
C LEU D 189 -40.28 19.89 -4.78
N ARG D 190 -40.57 18.93 -5.65
CA ARG D 190 -41.80 18.92 -6.42
C ARG D 190 -42.70 17.80 -5.98
N VAL D 191 -43.93 18.16 -5.62
CA VAL D 191 -44.97 17.22 -5.21
C VAL D 191 -46.18 17.40 -6.14
N SER D 192 -47.19 16.51 -6.05
CA SER D 192 -48.39 16.68 -6.87
C SER D 192 -49.18 17.85 -6.30
N ALA D 193 -50.02 18.51 -7.13
CA ALA D 193 -50.86 19.63 -6.66
C ALA D 193 -51.75 19.18 -5.48
N THR D 194 -52.38 17.99 -5.60
CA THR D 194 -53.24 17.43 -4.55
CA THR D 194 -53.24 17.41 -4.56
C THR D 194 -52.50 17.31 -3.22
N PHE D 195 -51.22 16.87 -3.23
CA PHE D 195 -50.40 16.75 -2.02
C PHE D 195 -50.05 18.11 -1.43
N TRP D 196 -49.79 19.12 -2.28
CA TRP D 196 -49.53 20.48 -1.76
C TRP D 196 -50.83 21.10 -1.20
N GLN D 197 -51.99 20.79 -1.79
CA GLN D 197 -53.27 21.33 -1.36
C GLN D 197 -53.86 20.59 -0.14
N ASN D 198 -53.02 20.22 0.82
CA ASN D 198 -53.42 19.53 2.04
C ASN D 198 -52.65 20.15 3.20
N PRO D 199 -53.31 20.96 4.04
CA PRO D 199 -52.60 21.63 5.14
C PRO D 199 -51.98 20.72 6.20
N ARG D 200 -52.37 19.43 6.26
CA ARG D 200 -51.78 18.48 7.21
C ARG D 200 -50.30 18.19 6.83
N ASN D 201 -49.98 18.23 5.51
CA ASN D 201 -48.63 18.04 4.99
C ASN D 201 -47.71 19.21 5.30
N HIS D 202 -46.63 18.93 6.03
CA HIS D 202 -45.59 19.84 6.47
C HIS D 202 -44.32 19.67 5.57
N PHE D 203 -43.62 20.77 5.27
CA PHE D 203 -42.45 20.75 4.40
C PHE D 203 -41.36 21.59 5.05
N ARG D 204 -40.18 21.00 5.32
CA ARG D 204 -39.08 21.75 5.93
C ARG D 204 -37.80 21.61 5.13
N CYS D 205 -37.06 22.69 5.00
CA CYS D 205 -35.78 22.68 4.33
C CYS D 205 -34.74 22.94 5.39
N GLN D 206 -33.85 21.97 5.63
CA GLN D 206 -32.85 22.09 6.67
C GLN D 206 -31.46 22.17 6.06
N VAL D 207 -30.63 23.05 6.61
CA VAL D 207 -29.26 23.22 6.16
C VAL D 207 -28.35 23.08 7.37
N GLN D 208 -27.62 21.96 7.46
CA GLN D 208 -26.65 21.76 8.52
C GLN D 208 -25.40 22.47 8.07
N PHE D 209 -24.82 23.31 8.90
CA PHE D 209 -23.63 24.08 8.59
C PHE D 209 -22.56 23.68 9.55
N TYR D 210 -21.31 23.58 9.09
CA TYR D 210 -20.20 23.24 9.97
C TYR D 210 -19.31 24.47 10.06
N GLY D 211 -19.19 25.02 11.25
CA GLY D 211 -18.42 26.24 11.45
C GLY D 211 -17.33 26.14 12.48
N LEU D 212 -17.24 27.17 13.31
CA LEU D 212 -16.22 27.20 14.35
C LEU D 212 -16.52 26.22 15.46
N SER D 213 -15.44 25.69 16.06
CA SER D 213 -15.51 24.77 17.19
C SER D 213 -15.47 25.56 18.54
N GLU D 214 -15.48 24.86 19.69
CA GLU D 214 -15.46 25.52 21.00
C GLU D 214 -14.21 26.38 21.22
N ASN D 215 -13.02 25.81 20.97
CA ASN D 215 -11.72 26.49 21.14
C ASN D 215 -11.56 27.75 20.27
N ASP D 216 -12.35 27.88 19.20
CA ASP D 216 -12.24 29.02 18.32
C ASP D 216 -12.68 30.33 18.98
N GLU D 217 -12.00 31.41 18.64
CA GLU D 217 -12.21 32.72 19.22
C GLU D 217 -13.22 33.57 18.46
N TRP D 218 -13.84 34.53 19.15
CA TRP D 218 -14.83 35.40 18.51
C TRP D 218 -14.85 36.82 19.09
N THR D 219 -14.43 37.79 18.28
CA THR D 219 -14.40 39.20 18.68
C THR D 219 -15.31 40.04 17.77
N GLN D 220 -16.42 39.47 17.30
CA GLN D 220 -17.34 40.21 16.42
C GLN D 220 -18.68 40.46 17.12
N ASP D 221 -19.38 41.50 16.66
CA ASP D 221 -20.68 41.87 17.24
C ASP D 221 -21.76 40.83 16.95
N ARG D 222 -21.77 40.25 15.72
CA ARG D 222 -22.75 39.21 15.37
C ARG D 222 -22.43 37.89 16.09
N ALA D 223 -23.46 37.02 16.21
CA ALA D 223 -23.36 35.71 16.88
C ALA D 223 -22.28 34.81 16.25
N LYS D 224 -21.53 34.08 17.11
CA LYS D 224 -20.45 33.17 16.69
C LYS D 224 -20.96 32.16 15.65
N PRO D 225 -20.23 31.99 14.55
CA PRO D 225 -20.72 31.09 13.49
C PRO D 225 -20.31 29.63 13.72
N VAL D 226 -20.78 29.05 14.82
CA VAL D 226 -20.51 27.65 15.18
C VAL D 226 -21.32 26.70 14.28
N THR D 227 -21.06 25.37 14.38
CA THR D 227 -21.79 24.33 13.66
C THR D 227 -23.25 24.39 14.13
N GLN D 228 -24.20 24.45 13.18
CA GLN D 228 -25.61 24.63 13.54
C GLN D 228 -26.55 24.27 12.40
N ILE D 229 -27.82 24.00 12.72
CA ILE D 229 -28.83 23.75 11.70
C ILE D 229 -29.61 25.06 11.47
N VAL D 230 -29.89 25.40 10.21
CA VAL D 230 -30.69 26.58 9.88
C VAL D 230 -31.81 26.07 8.98
N SER D 231 -33.07 26.32 9.35
CA SER D 231 -34.17 25.79 8.57
C SER D 231 -35.26 26.81 8.19
N ALA D 232 -36.13 26.42 7.29
CA ALA D 232 -37.27 27.19 6.84
C ALA D 232 -38.39 26.19 6.55
N GLU D 233 -39.64 26.60 6.77
CA GLU D 233 -40.76 25.69 6.60
C GLU D 233 -41.98 26.33 5.97
N ALA D 234 -42.92 25.48 5.56
CA ALA D 234 -44.18 25.84 4.95
C ALA D 234 -45.13 24.66 5.10
N TRP D 235 -46.42 24.93 5.05
CA TRP D 235 -47.44 23.90 5.18
CA TRP D 235 -47.43 23.91 5.20
C TRP D 235 -48.37 23.94 4.00
N GLY D 236 -48.99 22.81 3.68
CA GLY D 236 -49.92 22.72 2.55
C GLY D 236 -51.00 23.78 2.54
N ARG D 237 -51.52 24.13 1.36
CA ARG D 237 -52.56 25.18 1.24
C ARG D 237 -53.79 24.73 0.46
N ALA D 238 -54.95 24.61 1.13
CA ALA D 238 -56.22 24.20 0.52
C ALA D 238 -56.70 25.11 -0.62
N THR E 1 9.90 -2.04 -4.45
CA THR E 1 11.11 -2.55 -3.78
C THR E 1 11.44 -3.95 -4.27
N SER E 2 12.69 -4.37 -4.10
CA SER E 2 13.15 -5.71 -4.40
C SER E 2 12.64 -6.68 -3.31
N THR E 3 12.57 -6.21 -2.08
CA THR E 3 12.02 -6.99 -0.96
C THR E 3 10.51 -6.95 -0.98
N LEU E 4 9.91 -7.99 -0.37
CA LEU E 4 8.47 -8.07 -0.20
C LEU E 4 7.94 -6.97 0.70
N GLN E 5 6.87 -6.30 0.32
CA GLN E 5 6.17 -5.37 1.20
C GLN E 5 5.09 -6.18 1.84
N GLU E 6 5.26 -6.50 3.12
CA GLU E 6 4.28 -7.28 3.87
C GLU E 6 3.02 -6.47 4.11
N GLN E 7 1.92 -7.17 4.16
CA GLN E 7 0.63 -6.53 4.28
C GLN E 7 -0.22 -7.07 5.43
N ILE E 8 0.37 -7.87 6.29
CA ILE E 8 -0.39 -8.43 7.43
C ILE E 8 0.59 -8.95 8.46
N GLY E 9 0.09 -9.22 9.65
CA GLY E 9 0.87 -9.89 10.69
C GLY E 9 0.40 -11.32 10.91
N TRP E 10 1.03 -12.03 11.86
CA TRP E 10 0.68 -13.41 12.21
C TRP E 10 -0.70 -13.53 12.87
#